data_8HFJ
#
_entry.id   8HFJ
#
_cell.length_a   124.920
_cell.length_b   124.920
_cell.length_c   133.778
_cell.angle_alpha   90.00
_cell.angle_beta   90.00
_cell.angle_gamma   90.00
#
_symmetry.space_group_name_H-M   'P 41 21 2'
#
loop_
_entity.id
_entity.type
_entity.pdbx_description
1 polymer 'Versicolorin reductase'
2 non-polymer 'NADP NICOTINAMIDE-ADENINE-DINUCLEOTIDE PHOSPHATE'
3 non-polymer 2-methyl-2-[(4-methylphenyl)methyl]cyclopentane-1,3-dione
4 water water
#
_entity_poly.entity_id   1
_entity_poly.type   'polypeptide(L)'
_entity_poly.pdbx_seq_one_letter_code
;MAMSPPTQDLHIPGRLDGKVALVTGSGRGIGAAVAVHLGLLGAKVVVNYANSPTHAQKVVDEIKQLGSDAIAIKADVRQV
PEIVRLFDEAVAHFGQLDIAVSNSGVVSFGHLKDVTEEEFDRVFSLNTRGQFFVAREAYKHLNNGGRIIMTSSNTSRDFS
VPKFSLYSGSKGAIDSFVRIFSKDCGDKKITVNAVAPGGTVTDMFHDVSQHYIPNGETYTPEERQKMAAHASPLHRNGFP
EDIARVVGFLVSAEGEWINGKVLTVDGGAAALEHHHHHH
;
_entity_poly.pdbx_strand_id   A,B,C,D
#
loop_
_chem_comp.id
_chem_comp.type
_chem_comp.name
_chem_comp.formula
L7Z non-polymer 2-methyl-2-[(4-methylphenyl)methyl]cyclopentane-1,3-dione 'C14 H16 O2'
NAP non-polymer 'NADP NICOTINAMIDE-ADENINE-DINUCLEOTIDE PHOSPHATE' 'C21 H28 N7 O17 P3'
#
# COMPACT_ATOMS: atom_id res chain seq x y z
N ILE A 12 4.00 -34.26 7.43
CA ILE A 12 5.04 -33.42 8.14
C ILE A 12 4.82 -31.95 7.78
N PRO A 13 4.73 -31.04 8.78
CA PRO A 13 4.62 -29.60 8.52
C PRO A 13 5.76 -29.02 7.68
N GLY A 14 5.37 -28.41 6.57
CA GLY A 14 6.22 -27.60 5.67
C GLY A 14 6.65 -28.35 4.43
N ARG A 15 6.47 -29.68 4.37
CA ARG A 15 7.06 -30.60 3.35
C ARG A 15 6.11 -30.80 2.16
N LEU A 16 6.68 -31.19 1.03
CA LEU A 16 5.98 -31.38 -0.28
C LEU A 16 6.22 -32.80 -0.81
N ASP A 17 6.37 -33.79 0.06
CA ASP A 17 6.52 -35.23 -0.32
C ASP A 17 5.41 -35.58 -1.30
N GLY A 18 5.75 -36.20 -2.43
CA GLY A 18 4.78 -36.68 -3.45
C GLY A 18 4.19 -35.57 -4.28
N LYS A 19 4.62 -34.32 -4.07
CA LYS A 19 4.25 -33.15 -4.92
C LYS A 19 5.26 -33.04 -6.05
N VAL A 20 4.82 -32.48 -7.19
CA VAL A 20 5.70 -32.15 -8.34
C VAL A 20 5.64 -30.64 -8.55
N ALA A 21 6.81 -30.01 -8.75
CA ALA A 21 6.97 -28.55 -8.90
C ALA A 21 7.64 -28.28 -10.25
N LEU A 22 7.45 -27.07 -10.76
CA LEU A 22 8.21 -26.52 -11.91
C LEU A 22 8.67 -25.12 -11.50
N VAL A 23 9.90 -24.76 -11.87
CA VAL A 23 10.51 -23.43 -11.57
C VAL A 23 11.13 -22.88 -12.86
N THR A 24 10.62 -21.75 -13.36
CA THR A 24 11.25 -21.03 -14.50
C THR A 24 12.57 -20.44 -13.96
N GLY A 25 13.63 -20.47 -14.80
CA GLY A 25 14.97 -19.91 -14.51
C GLY A 25 15.56 -20.39 -13.19
N SER A 26 15.70 -21.70 -13.04
CA SER A 26 16.20 -22.38 -11.82
C SER A 26 17.60 -22.99 -12.01
N GLY A 27 18.30 -22.70 -13.11
CA GLY A 27 19.72 -23.04 -13.28
C GLY A 27 20.63 -22.09 -12.49
N ARG A 28 20.18 -20.86 -12.21
CA ARG A 28 21.01 -19.82 -11.54
C ARG A 28 20.16 -19.08 -10.49
N GLY A 29 20.83 -18.35 -9.61
CA GLY A 29 20.22 -17.26 -8.85
C GLY A 29 19.13 -17.79 -7.93
N ILE A 30 18.08 -17.00 -7.71
CA ILE A 30 17.02 -17.31 -6.70
C ILE A 30 16.26 -18.53 -7.20
N GLY A 31 16.06 -18.61 -8.51
CA GLY A 31 15.58 -19.82 -9.22
C GLY A 31 16.17 -21.12 -8.65
N ALA A 32 17.50 -21.23 -8.60
CA ALA A 32 18.16 -22.51 -8.26
C ALA A 32 17.99 -22.83 -6.77
N ALA A 33 17.99 -21.80 -5.91
CA ALA A 33 17.81 -21.99 -4.46
C ALA A 33 16.38 -22.49 -4.21
N VAL A 34 15.41 -21.99 -4.99
CA VAL A 34 13.97 -22.39 -4.85
C VAL A 34 13.84 -23.87 -5.21
N ALA A 35 14.26 -24.25 -6.41
CA ALA A 35 14.26 -25.64 -6.92
C ALA A 35 14.92 -26.57 -5.88
N VAL A 36 16.12 -26.22 -5.43
CA VAL A 36 16.87 -27.03 -4.44
C VAL A 36 16.05 -27.18 -3.15
N HIS A 37 15.32 -26.14 -2.72
CA HIS A 37 14.60 -26.08 -1.41
C HIS A 37 13.31 -26.90 -1.48
N LEU A 38 12.56 -26.74 -2.57
CA LEU A 38 11.38 -27.59 -2.88
C LEU A 38 11.83 -29.05 -2.90
N GLY A 39 12.97 -29.34 -3.54
CA GLY A 39 13.58 -30.68 -3.58
C GLY A 39 13.85 -31.24 -2.19
N LEU A 40 14.50 -30.47 -1.34
CA LEU A 40 14.87 -30.78 0.06
C LEU A 40 13.58 -31.00 0.89
N LEU A 41 12.48 -30.40 0.44
CA LEU A 41 11.16 -30.41 1.11
C LEU A 41 10.33 -31.63 0.71
N GLY A 42 10.74 -32.33 -0.33
CA GLY A 42 10.13 -33.60 -0.72
C GLY A 42 9.60 -33.62 -2.12
N ALA A 43 9.59 -32.49 -2.82
CA ALA A 43 8.99 -32.42 -4.18
C ALA A 43 9.96 -32.82 -5.29
N LYS A 44 9.40 -33.35 -6.39
CA LYS A 44 10.11 -33.76 -7.61
C LYS A 44 10.27 -32.47 -8.42
N VAL A 45 11.46 -32.19 -8.97
CA VAL A 45 11.63 -30.83 -9.54
C VAL A 45 11.91 -30.76 -11.03
N VAL A 46 11.09 -29.99 -11.72
CA VAL A 46 11.31 -29.62 -13.15
C VAL A 46 12.04 -28.27 -13.17
N VAL A 47 13.29 -28.29 -13.63
CA VAL A 47 14.26 -27.18 -13.51
C VAL A 47 14.40 -26.54 -14.89
N ASN A 48 13.78 -25.38 -15.09
CA ASN A 48 13.84 -24.69 -16.41
C ASN A 48 15.03 -23.72 -16.43
N TYR A 49 15.78 -23.76 -17.54
CA TYR A 49 16.81 -22.79 -18.00
C TYR A 49 16.48 -22.37 -19.43
N ALA A 50 17.20 -21.35 -19.94
CA ALA A 50 17.17 -20.87 -21.34
C ALA A 50 18.58 -20.78 -21.92
N ASN A 51 19.59 -20.45 -21.11
CA ASN A 51 20.96 -20.17 -21.65
C ASN A 51 22.06 -20.90 -20.88
N SER A 52 21.71 -21.63 -19.79
CA SER A 52 22.63 -22.24 -18.77
C SER A 52 22.34 -23.73 -18.55
N PRO A 53 22.52 -24.62 -19.55
CA PRO A 53 22.24 -26.04 -19.36
C PRO A 53 23.17 -26.71 -18.34
N THR A 54 24.35 -26.11 -18.18
CA THR A 54 25.44 -26.67 -17.37
C THR A 54 25.08 -26.50 -15.89
N HIS A 55 24.71 -25.28 -15.46
CA HIS A 55 24.30 -25.01 -14.06
C HIS A 55 22.94 -25.67 -13.79
N ALA A 56 22.07 -25.73 -14.80
CA ALA A 56 20.77 -26.44 -14.74
C ALA A 56 21.01 -27.89 -14.28
N GLN A 57 21.92 -28.61 -14.96
CA GLN A 57 22.28 -30.03 -14.67
C GLN A 57 22.83 -30.14 -13.22
N LYS A 58 23.53 -29.13 -12.71
CA LYS A 58 24.17 -29.15 -11.36
C LYS A 58 23.06 -29.13 -10.30
N VAL A 59 22.13 -28.20 -10.48
CA VAL A 59 20.85 -28.11 -9.71
C VAL A 59 20.14 -29.48 -9.73
N VAL A 60 19.81 -30.03 -10.92
CA VAL A 60 19.18 -31.39 -11.06
C VAL A 60 19.95 -32.42 -10.22
N ASP A 61 21.26 -32.55 -10.44
CA ASP A 61 22.10 -33.55 -9.73
C ASP A 61 22.04 -33.24 -8.23
N GLU A 62 22.14 -31.96 -7.83
CA GLU A 62 22.16 -31.59 -6.39
C GLU A 62 20.88 -32.10 -5.72
N ILE A 63 19.74 -32.06 -6.44
CA ILE A 63 18.38 -32.41 -5.92
C ILE A 63 18.32 -33.93 -5.69
N LYS A 64 18.84 -34.69 -6.66
CA LYS A 64 18.98 -36.17 -6.59
C LYS A 64 19.91 -36.56 -5.44
N GLN A 65 21.02 -35.86 -5.30
CA GLN A 65 21.96 -36.21 -4.22
C GLN A 65 21.21 -36.17 -2.90
N LEU A 66 20.28 -35.23 -2.73
CA LEU A 66 19.53 -35.13 -1.45
C LEU A 66 18.32 -36.06 -1.37
N GLY A 67 17.94 -36.74 -2.45
CA GLY A 67 16.88 -37.74 -2.30
C GLY A 67 15.62 -37.51 -3.11
N SER A 68 15.50 -36.34 -3.73
CA SER A 68 14.34 -36.02 -4.60
C SER A 68 14.68 -36.33 -6.07
N ASP A 69 13.76 -36.02 -6.98
CA ASP A 69 14.01 -36.27 -8.41
C ASP A 69 13.96 -34.94 -9.15
N ALA A 70 14.71 -34.81 -10.24
CA ALA A 70 14.62 -33.57 -11.02
C ALA A 70 14.98 -33.83 -12.48
N ILE A 71 14.38 -33.05 -13.36
CA ILE A 71 14.83 -32.99 -14.78
C ILE A 71 15.05 -31.53 -15.16
N ALA A 72 15.88 -31.32 -16.17
CA ALA A 72 16.20 -29.97 -16.72
C ALA A 72 15.64 -29.88 -18.15
N ILE A 73 14.59 -29.08 -18.33
CA ILE A 73 13.99 -28.79 -19.67
C ILE A 73 14.38 -27.37 -20.10
N LYS A 74 15.03 -27.21 -21.26
CA LYS A 74 15.29 -25.88 -21.87
C LYS A 74 13.95 -25.34 -22.36
N ALA A 75 13.65 -24.07 -22.06
CA ALA A 75 12.54 -23.30 -22.68
C ALA A 75 12.72 -21.81 -22.40
N ASP A 76 12.70 -21.01 -23.48
CA ASP A 76 12.70 -19.54 -23.49
C ASP A 76 11.27 -19.07 -23.15
N VAL A 77 11.05 -18.55 -21.94
CA VAL A 77 9.69 -18.24 -21.42
C VAL A 77 9.22 -16.89 -22.01
N ARG A 78 10.01 -16.26 -22.89
CA ARG A 78 9.52 -15.17 -23.77
C ARG A 78 8.62 -15.74 -24.87
N GLN A 79 8.64 -17.07 -25.09
CA GLN A 79 7.92 -17.74 -26.22
C GLN A 79 6.76 -18.57 -25.66
N VAL A 80 5.51 -18.14 -25.88
CA VAL A 80 4.31 -18.81 -25.31
C VAL A 80 4.28 -20.27 -25.76
N PRO A 81 4.55 -20.62 -27.05
CA PRO A 81 4.65 -22.02 -27.47
C PRO A 81 5.67 -22.84 -26.67
N GLU A 82 6.82 -22.26 -26.32
CA GLU A 82 7.86 -22.94 -25.52
C GLU A 82 7.35 -23.13 -24.07
N ILE A 83 6.47 -22.26 -23.55
CA ILE A 83 5.85 -22.42 -22.20
C ILE A 83 4.85 -23.61 -22.23
N VAL A 84 3.95 -23.65 -23.21
CA VAL A 84 3.03 -24.81 -23.38
C VAL A 84 3.86 -26.10 -23.43
N ARG A 85 4.89 -26.15 -24.29
CA ARG A 85 5.80 -27.33 -24.39
C ARG A 85 6.46 -27.59 -23.02
N LEU A 86 6.89 -26.53 -22.30
CA LEU A 86 7.55 -26.69 -20.96
C LEU A 86 6.63 -27.45 -19.98
N PHE A 87 5.35 -27.07 -19.92
CA PHE A 87 4.34 -27.62 -18.95
C PHE A 87 3.86 -29.02 -19.41
N ASP A 88 3.56 -29.17 -20.70
CA ASP A 88 3.14 -30.44 -21.34
C ASP A 88 4.13 -31.54 -20.99
N GLU A 89 5.45 -31.27 -21.21
CA GLU A 89 6.61 -32.16 -20.98
C GLU A 89 6.81 -32.40 -19.48
N ALA A 90 6.61 -31.39 -18.65
CA ALA A 90 6.58 -31.52 -17.17
C ALA A 90 5.56 -32.60 -16.82
N VAL A 91 4.31 -32.39 -17.21
CA VAL A 91 3.21 -33.37 -16.94
C VAL A 91 3.57 -34.74 -17.52
N ALA A 92 4.02 -34.82 -18.78
CA ALA A 92 4.35 -36.11 -19.44
C ALA A 92 5.44 -36.87 -18.66
N HIS A 93 6.37 -36.22 -17.97
CA HIS A 93 7.49 -36.95 -17.32
C HIS A 93 7.21 -37.36 -15.87
N PHE A 94 6.63 -36.47 -15.07
CA PHE A 94 6.42 -36.77 -13.63
C PHE A 94 4.97 -37.20 -13.40
N GLY A 95 4.12 -37.01 -14.40
CA GLY A 95 2.72 -37.46 -14.33
C GLY A 95 1.76 -36.34 -14.01
N GLN A 96 2.24 -35.34 -13.27
CA GLN A 96 1.32 -34.29 -12.79
C GLN A 96 2.11 -33.06 -12.38
N LEU A 97 1.40 -31.95 -12.18
CA LEU A 97 2.06 -30.76 -11.62
C LEU A 97 1.21 -30.22 -10.49
N ASP A 98 1.85 -30.00 -9.35
CA ASP A 98 1.17 -29.38 -8.18
C ASP A 98 1.56 -27.93 -8.06
N ILE A 99 2.85 -27.62 -8.25
CA ILE A 99 3.47 -26.32 -7.86
C ILE A 99 4.19 -25.73 -9.07
N ALA A 100 4.07 -24.43 -9.28
CA ALA A 100 4.66 -23.69 -10.42
C ALA A 100 5.10 -22.30 -9.94
N VAL A 101 6.40 -22.08 -9.93
CA VAL A 101 7.07 -20.83 -9.49
C VAL A 101 7.57 -20.14 -10.75
N SER A 102 6.95 -19.02 -11.15
CA SER A 102 7.48 -18.12 -12.21
C SER A 102 8.55 -17.22 -11.60
N ASN A 103 9.83 -17.55 -11.88
CA ASN A 103 11.03 -16.88 -11.32
C ASN A 103 11.75 -16.06 -12.40
N SER A 104 11.84 -16.55 -13.65
CA SER A 104 12.69 -15.96 -14.71
C SER A 104 12.32 -14.49 -14.87
N GLY A 105 13.34 -13.62 -14.81
CA GLY A 105 13.24 -12.18 -15.12
C GLY A 105 14.61 -11.56 -15.34
N VAL A 106 14.62 -10.33 -15.85
CA VAL A 106 15.85 -9.56 -16.18
C VAL A 106 15.72 -8.16 -15.60
N VAL A 107 16.86 -7.56 -15.24
CA VAL A 107 16.92 -6.15 -14.78
C VAL A 107 17.27 -5.25 -15.97
N SER A 108 16.72 -4.03 -15.98
CA SER A 108 17.08 -2.91 -16.87
C SER A 108 17.23 -1.65 -16.01
N PHE A 109 18.06 -0.71 -16.42
CA PHE A 109 18.36 0.53 -15.65
C PHE A 109 18.61 1.65 -16.63
N GLY A 110 18.02 2.81 -16.37
CA GLY A 110 18.02 3.93 -17.33
C GLY A 110 17.00 4.99 -16.96
N HIS A 111 17.37 6.25 -17.10
CA HIS A 111 16.43 7.39 -17.09
C HIS A 111 15.40 7.14 -18.19
N LEU A 112 14.17 7.58 -17.96
CA LEU A 112 13.01 7.44 -18.87
C LEU A 112 13.36 7.97 -20.26
N LYS A 113 14.11 9.07 -20.38
CA LYS A 113 14.36 9.79 -21.66
C LYS A 113 15.13 8.89 -22.62
N ASP A 114 15.98 8.01 -22.08
CA ASP A 114 16.87 7.11 -22.86
C ASP A 114 16.25 5.70 -23.04
N VAL A 115 15.03 5.44 -22.56
CA VAL A 115 14.47 4.08 -22.81
C VAL A 115 13.95 4.00 -24.26
N THR A 116 14.52 3.06 -25.01
CA THR A 116 14.11 2.66 -26.39
C THR A 116 12.99 1.63 -26.33
N GLU A 117 12.23 1.50 -27.41
CA GLU A 117 11.24 0.41 -27.64
C GLU A 117 11.88 -0.95 -27.39
N GLU A 118 13.11 -1.18 -27.86
CA GLU A 118 13.73 -2.52 -27.84
C GLU A 118 13.98 -2.90 -26.37
N GLU A 119 14.43 -1.94 -25.57
CA GLU A 119 14.68 -2.17 -24.12
C GLU A 119 13.35 -2.45 -23.39
N PHE A 120 12.25 -1.77 -23.76
CA PHE A 120 10.92 -1.97 -23.13
C PHE A 120 10.44 -3.41 -23.38
N ASP A 121 10.57 -3.90 -24.61
CA ASP A 121 10.01 -5.21 -25.08
C ASP A 121 10.84 -6.35 -24.48
N ARG A 122 12.17 -6.23 -24.49
CA ARG A 122 13.11 -7.19 -23.83
C ARG A 122 12.61 -7.47 -22.42
N VAL A 123 12.43 -6.41 -21.63
CA VAL A 123 12.10 -6.50 -20.19
C VAL A 123 10.70 -7.12 -20.03
N PHE A 124 9.69 -6.55 -20.70
CA PHE A 124 8.24 -6.92 -20.55
C PHE A 124 7.94 -8.33 -21.08
N SER A 125 8.56 -8.72 -22.21
CA SER A 125 8.39 -10.07 -22.79
C SER A 125 8.62 -11.13 -21.70
N LEU A 126 9.72 -11.03 -20.93
CA LEU A 126 10.08 -12.02 -19.89
C LEU A 126 9.39 -11.71 -18.56
N ASN A 127 9.55 -10.50 -18.04
CA ASN A 127 9.21 -10.17 -16.63
C ASN A 127 7.70 -10.20 -16.45
N THR A 128 6.97 -9.66 -17.42
CA THR A 128 5.55 -9.29 -17.31
C THR A 128 4.73 -10.31 -18.10
N ARG A 129 4.89 -10.31 -19.42
CA ARG A 129 4.20 -11.18 -20.42
C ARG A 129 4.57 -12.65 -20.22
N GLY A 130 5.86 -13.00 -20.19
CA GLY A 130 6.32 -14.40 -19.98
C GLY A 130 5.71 -14.99 -18.71
N GLN A 131 5.74 -14.25 -17.59
CA GLN A 131 5.17 -14.73 -16.30
C GLN A 131 3.64 -14.86 -16.42
N PHE A 132 2.99 -14.02 -17.21
CA PHE A 132 1.51 -14.09 -17.33
C PHE A 132 1.14 -15.45 -17.92
N PHE A 133 1.89 -15.91 -18.91
CA PHE A 133 1.60 -17.15 -19.66
C PHE A 133 2.12 -18.36 -18.89
N VAL A 134 3.20 -18.18 -18.12
CA VAL A 134 3.67 -19.21 -17.16
C VAL A 134 2.55 -19.51 -16.16
N ALA A 135 1.80 -18.48 -15.74
CA ALA A 135 0.65 -18.61 -14.81
C ALA A 135 -0.51 -19.27 -15.55
N ARG A 136 -0.79 -18.85 -16.78
CA ARG A 136 -1.89 -19.40 -17.58
C ARG A 136 -1.71 -20.91 -17.69
N GLU A 137 -0.54 -21.35 -18.16
CA GLU A 137 -0.26 -22.79 -18.40
C GLU A 137 -0.15 -23.50 -17.06
N ALA A 138 0.21 -22.79 -15.99
CA ALA A 138 0.22 -23.37 -14.62
C ALA A 138 -1.21 -23.79 -14.25
N TYR A 139 -2.15 -22.86 -14.36
CA TYR A 139 -3.57 -23.18 -14.05
C TYR A 139 -4.03 -24.37 -14.92
N LYS A 140 -3.77 -24.32 -16.23
CA LYS A 140 -4.22 -25.38 -17.19
C LYS A 140 -3.72 -26.74 -16.73
N HIS A 141 -2.45 -26.84 -16.33
CA HIS A 141 -1.70 -28.09 -16.07
C HIS A 141 -1.73 -28.55 -14.59
N LEU A 142 -2.26 -27.73 -13.66
CA LEU A 142 -2.10 -27.97 -12.19
C LEU A 142 -3.22 -28.87 -11.64
N ASN A 143 -2.84 -29.86 -10.82
CA ASN A 143 -3.75 -30.59 -9.90
C ASN A 143 -4.60 -29.55 -9.16
N ASN A 144 -5.84 -29.87 -8.80
CA ASN A 144 -6.57 -29.11 -7.74
C ASN A 144 -5.64 -29.04 -6.52
N GLY A 145 -5.79 -28.02 -5.66
CA GLY A 145 -5.00 -27.86 -4.42
C GLY A 145 -3.64 -27.23 -4.66
N GLY A 146 -3.31 -26.97 -5.94
CA GLY A 146 -1.95 -26.67 -6.40
C GLY A 146 -1.49 -25.29 -5.96
N ARG A 147 -0.28 -24.93 -6.35
CA ARG A 147 0.33 -23.64 -5.94
C ARG A 147 0.89 -22.93 -7.19
N ILE A 148 0.69 -21.61 -7.29
CA ILE A 148 1.40 -20.75 -8.27
C ILE A 148 2.09 -19.63 -7.50
N ILE A 149 3.36 -19.37 -7.83
CA ILE A 149 4.15 -18.22 -7.29
C ILE A 149 4.68 -17.42 -8.48
N MET A 150 4.54 -16.09 -8.42
CA MET A 150 5.14 -15.19 -9.44
C MET A 150 6.16 -14.32 -8.71
N THR A 151 7.06 -13.67 -9.42
CA THR A 151 8.23 -12.98 -8.80
C THR A 151 8.21 -11.52 -9.20
N SER A 152 8.42 -10.65 -8.21
CA SER A 152 8.16 -9.19 -8.25
C SER A 152 9.40 -8.47 -7.68
N SER A 153 9.25 -7.26 -7.15
CA SER A 153 10.37 -6.47 -6.59
C SER A 153 9.81 -5.57 -5.49
N ASN A 154 10.55 -5.30 -4.42
CA ASN A 154 10.12 -4.25 -3.47
C ASN A 154 10.19 -2.87 -4.15
N THR A 155 10.74 -2.79 -5.38
CA THR A 155 10.80 -1.56 -6.22
C THR A 155 9.51 -1.41 -7.04
N SER A 156 8.59 -2.36 -6.86
CA SER A 156 7.21 -2.34 -7.38
C SER A 156 6.37 -1.26 -6.67
N ARG A 157 6.28 -1.31 -5.32
CA ARG A 157 5.43 -0.42 -4.47
C ARG A 157 6.28 0.31 -3.40
N ASP A 158 7.32 -0.34 -2.81
CA ASP A 158 7.96 0.11 -1.53
C ASP A 158 9.19 1.01 -1.75
N PHE A 159 9.96 0.85 -2.84
CA PHE A 159 11.18 1.67 -3.08
C PHE A 159 11.16 2.28 -4.49
N SER A 160 11.48 3.57 -4.53
CA SER A 160 11.52 4.43 -5.74
C SER A 160 12.97 4.78 -6.05
N VAL A 161 13.71 3.84 -6.64
CA VAL A 161 15.10 4.08 -7.10
C VAL A 161 14.98 4.85 -8.40
N PRO A 162 15.68 6.00 -8.58
CA PRO A 162 15.73 6.67 -9.89
C PRO A 162 16.29 5.76 -11.00
N LYS A 163 15.79 5.93 -12.22
CA LYS A 163 16.29 5.19 -13.41
C LYS A 163 15.96 3.69 -13.29
N PHE A 164 14.91 3.34 -12.56
CA PHE A 164 14.45 1.95 -12.33
C PHE A 164 12.97 1.79 -12.69
N SER A 165 12.47 2.66 -13.56
CA SER A 165 11.06 2.71 -14.03
C SER A 165 10.69 1.40 -14.73
N LEU A 166 11.40 1.07 -15.81
CA LEU A 166 10.99 -0.02 -16.75
C LEU A 166 10.85 -1.30 -15.96
N TYR A 167 11.91 -1.72 -15.26
CA TYR A 167 11.95 -2.95 -14.41
C TYR A 167 10.80 -2.90 -13.39
N SER A 168 10.67 -1.77 -12.69
CA SER A 168 9.78 -1.60 -11.51
C SER A 168 8.32 -1.79 -11.92
N GLY A 169 7.90 -1.14 -13.01
CA GLY A 169 6.54 -1.30 -13.55
C GLY A 169 6.30 -2.70 -14.09
N SER A 170 7.36 -3.34 -14.60
CA SER A 170 7.27 -4.72 -15.14
C SER A 170 6.79 -5.63 -14.01
N LYS A 171 7.22 -5.32 -12.78
CA LYS A 171 6.83 -6.03 -11.53
C LYS A 171 5.51 -5.47 -10.92
N GLY A 172 5.25 -4.16 -11.01
CA GLY A 172 3.95 -3.59 -10.58
C GLY A 172 2.76 -4.38 -11.14
N ALA A 173 2.88 -4.73 -12.44
CA ALA A 173 1.95 -5.57 -13.23
C ALA A 173 1.80 -6.97 -12.61
N ILE A 174 2.87 -7.52 -12.02
CA ILE A 174 2.83 -8.89 -11.40
C ILE A 174 1.97 -8.81 -10.14
N ASP A 175 2.11 -7.76 -9.34
CA ASP A 175 1.35 -7.56 -8.08
C ASP A 175 -0.14 -7.53 -8.40
N SER A 176 -0.54 -6.89 -9.49
CA SER A 176 -1.97 -6.69 -9.83
C SER A 176 -2.57 -8.03 -10.30
N PHE A 177 -1.78 -8.76 -11.10
CA PHE A 177 -2.10 -10.09 -11.67
C PHE A 177 -2.44 -11.10 -10.55
N VAL A 178 -1.65 -11.16 -9.48
CA VAL A 178 -1.76 -12.25 -8.46
C VAL A 178 -3.08 -12.09 -7.71
N ARG A 179 -3.36 -10.88 -7.24
CA ARG A 179 -4.59 -10.57 -6.48
C ARG A 179 -5.79 -11.14 -7.23
N ILE A 180 -5.92 -10.79 -8.53
CA ILE A 180 -6.99 -11.27 -9.45
C ILE A 180 -6.80 -12.78 -9.69
N PHE A 181 -5.67 -13.22 -10.22
CA PHE A 181 -5.37 -14.65 -10.48
C PHE A 181 -5.94 -15.53 -9.36
N SER A 182 -5.77 -15.13 -8.10
CA SER A 182 -6.18 -15.93 -6.92
C SER A 182 -7.70 -16.08 -6.92
N LYS A 183 -8.41 -15.19 -7.62
CA LYS A 183 -9.88 -15.24 -7.79
C LYS A 183 -10.22 -16.29 -8.85
N ASP A 184 -9.83 -16.06 -10.11
CA ASP A 184 -9.91 -17.03 -11.23
C ASP A 184 -9.47 -18.44 -10.78
N CYS A 185 -8.33 -18.57 -10.10
CA CYS A 185 -7.67 -19.87 -9.86
C CYS A 185 -8.33 -20.63 -8.70
N GLY A 186 -9.13 -19.95 -7.87
CA GLY A 186 -9.85 -20.59 -6.77
C GLY A 186 -10.73 -21.73 -7.26
N ASP A 187 -11.06 -21.79 -8.57
CA ASP A 187 -12.11 -22.74 -9.04
C ASP A 187 -11.46 -24.13 -9.26
N LYS A 188 -10.13 -24.26 -9.20
CA LYS A 188 -9.38 -25.54 -9.02
C LYS A 188 -8.65 -25.53 -7.67
N LYS A 189 -9.07 -24.66 -6.74
CA LYS A 189 -8.50 -24.42 -5.38
C LYS A 189 -6.99 -24.24 -5.41
N ILE A 190 -6.49 -23.49 -6.41
CA ILE A 190 -5.05 -23.12 -6.58
C ILE A 190 -4.83 -21.72 -5.98
N THR A 191 -3.84 -21.58 -5.11
CA THR A 191 -3.52 -20.31 -4.42
C THR A 191 -2.49 -19.61 -5.28
N VAL A 192 -2.67 -18.29 -5.54
CA VAL A 192 -1.69 -17.45 -6.30
C VAL A 192 -1.17 -16.37 -5.35
N ASN A 193 0.15 -16.35 -5.20
CA ASN A 193 0.91 -15.33 -4.45
C ASN A 193 2.11 -14.93 -5.30
N ALA A 194 2.69 -13.77 -5.04
CA ALA A 194 4.02 -13.41 -5.56
C ALA A 194 4.96 -13.23 -4.38
N VAL A 195 6.26 -13.47 -4.58
CA VAL A 195 7.33 -12.97 -3.67
C VAL A 195 8.01 -11.77 -4.34
N ALA A 196 8.41 -10.81 -3.52
CA ALA A 196 8.97 -9.50 -3.94
C ALA A 196 10.29 -9.36 -3.21
N PRO A 197 11.35 -9.94 -3.82
CA PRO A 197 12.63 -9.93 -3.18
C PRO A 197 13.21 -8.52 -3.18
N GLY A 198 14.13 -8.26 -2.25
CA GLY A 198 14.85 -6.98 -2.29
C GLY A 198 16.23 -7.27 -2.86
N GLY A 199 17.26 -6.67 -2.31
CA GLY A 199 18.63 -7.01 -2.73
C GLY A 199 19.03 -8.42 -2.32
N THR A 200 19.15 -9.31 -3.29
CA THR A 200 19.50 -10.73 -3.02
C THR A 200 20.80 -10.99 -3.79
N VAL A 201 21.82 -11.55 -3.14
CA VAL A 201 23.16 -11.67 -3.81
C VAL A 201 23.14 -12.62 -4.99
N THR A 202 22.89 -12.08 -6.17
CA THR A 202 22.95 -12.81 -7.45
C THR A 202 23.64 -11.89 -8.44
N ASP A 203 23.98 -12.39 -9.64
CA ASP A 203 24.57 -11.56 -10.73
C ASP A 203 23.64 -10.40 -11.13
N MET A 204 22.32 -10.55 -10.96
CA MET A 204 21.38 -9.44 -11.20
C MET A 204 21.54 -8.35 -10.11
N PHE A 205 21.87 -8.73 -8.88
CA PHE A 205 22.12 -7.76 -7.77
C PHE A 205 23.39 -6.94 -8.04
N HIS A 206 24.47 -7.62 -8.46
CA HIS A 206 25.82 -7.05 -8.72
C HIS A 206 25.80 -6.14 -9.96
N ASP A 207 24.96 -6.48 -10.96
CA ASP A 207 24.72 -5.68 -12.18
C ASP A 207 24.01 -4.37 -11.78
N VAL A 208 23.19 -4.40 -10.72
CA VAL A 208 22.37 -3.25 -10.25
C VAL A 208 23.23 -2.38 -9.34
N SER A 209 23.76 -2.95 -8.25
CA SER A 209 24.47 -2.20 -7.19
C SER A 209 25.45 -1.20 -7.85
N GLN A 210 26.13 -1.64 -8.89
CA GLN A 210 27.07 -0.87 -9.76
C GLN A 210 26.43 0.43 -10.28
N HIS A 211 25.16 0.39 -10.74
CA HIS A 211 24.40 1.54 -11.32
C HIS A 211 23.64 2.33 -10.24
N TYR A 212 23.22 1.69 -9.13
CA TYR A 212 22.37 2.30 -8.05
C TYR A 212 23.23 2.61 -6.82
N ILE A 213 24.54 2.84 -7.02
CA ILE A 213 25.51 3.42 -6.03
C ILE A 213 26.44 4.39 -6.77
N PRO A 214 26.52 5.68 -6.37
CA PRO A 214 27.55 6.60 -6.83
C PRO A 214 28.87 6.00 -7.33
N GLY A 216 29.97 4.92 -10.36
CA GLY A 216 30.15 4.11 -9.15
C GLY A 216 30.45 2.65 -9.46
N GLU A 217 31.10 2.41 -10.60
CA GLU A 217 31.47 1.08 -11.16
C GLU A 217 32.87 0.71 -10.66
N THR A 218 33.44 1.55 -9.78
CA THR A 218 34.86 1.52 -9.33
C THR A 218 35.00 0.72 -8.04
N TYR A 219 33.89 0.17 -7.51
CA TYR A 219 33.88 -0.66 -6.28
C TYR A 219 33.70 -2.13 -6.64
N THR A 220 34.47 -3.02 -6.00
CA THR A 220 34.32 -4.51 -6.08
C THR A 220 32.88 -4.83 -5.73
N PRO A 221 32.26 -5.83 -6.40
CA PRO A 221 31.03 -6.43 -5.90
C PRO A 221 31.05 -6.71 -4.38
N GLU A 222 32.16 -7.21 -3.83
CA GLU A 222 32.28 -7.52 -2.37
C GLU A 222 31.89 -6.27 -1.56
N GLU A 223 32.33 -5.08 -1.96
CA GLU A 223 32.21 -3.84 -1.12
C GLU A 223 30.81 -3.22 -1.27
N ARG A 224 30.23 -3.22 -2.48
CA ARG A 224 28.80 -2.85 -2.71
C ARG A 224 27.90 -3.81 -1.92
N GLN A 225 28.24 -5.09 -1.87
CA GLN A 225 27.56 -6.11 -1.03
C GLN A 225 27.64 -5.70 0.45
N LYS A 226 28.82 -5.26 0.94
CA LYS A 226 29.03 -4.88 2.37
C LYS A 226 28.24 -3.59 2.67
N MET A 227 28.19 -2.68 1.69
CA MET A 227 27.47 -1.39 1.84
C MET A 227 25.99 -1.70 2.04
N ALA A 228 25.39 -2.45 1.11
CA ALA A 228 23.97 -2.87 1.12
C ALA A 228 23.66 -3.73 2.35
N ALA A 229 24.65 -4.43 2.91
CA ALA A 229 24.49 -5.26 4.13
C ALA A 229 23.97 -4.40 5.29
N HIS A 230 24.22 -3.09 5.24
CA HIS A 230 23.85 -2.10 6.28
C HIS A 230 22.37 -1.70 6.12
N ALA A 231 21.85 -1.60 4.89
CA ALA A 231 20.44 -1.23 4.62
C ALA A 231 19.50 -2.02 5.55
N SER A 232 19.80 -3.31 5.75
CA SER A 232 19.04 -4.22 6.64
C SER A 232 19.41 -3.89 8.09
N PRO A 233 18.41 -3.72 8.98
CA PRO A 233 18.69 -3.63 10.41
C PRO A 233 19.15 -4.97 11.01
N LEU A 234 19.15 -6.08 10.25
CA LEU A 234 19.77 -7.37 10.66
C LEU A 234 21.27 -7.37 10.33
N HIS A 235 21.76 -6.28 9.71
CA HIS A 235 23.17 -6.10 9.27
C HIS A 235 23.63 -7.32 8.44
N ARG A 236 22.90 -7.68 7.38
CA ARG A 236 23.40 -8.65 6.36
C ARG A 236 22.66 -8.46 5.03
N ASN A 237 23.16 -9.11 3.98
CA ASN A 237 22.53 -9.15 2.64
C ASN A 237 21.44 -10.23 2.64
N GLY A 238 20.49 -10.11 1.72
CA GLY A 238 19.61 -11.22 1.36
C GLY A 238 20.33 -12.22 0.47
N PHE A 239 19.87 -13.48 0.49
CA PHE A 239 20.46 -14.59 -0.32
C PHE A 239 19.34 -15.39 -0.97
N PRO A 240 19.64 -16.06 -2.12
CA PRO A 240 18.66 -16.91 -2.77
C PRO A 240 17.92 -17.78 -1.74
N GLU A 241 18.67 -18.42 -0.84
CA GLU A 241 18.14 -19.39 0.16
C GLU A 241 17.08 -18.67 1.01
N ASP A 242 17.27 -17.37 1.30
CA ASP A 242 16.29 -16.55 2.09
C ASP A 242 14.93 -16.54 1.41
N ILE A 243 14.89 -16.27 0.10
CA ILE A 243 13.62 -16.15 -0.67
C ILE A 243 13.03 -17.56 -0.88
N ALA A 244 13.88 -18.55 -1.17
CA ALA A 244 13.48 -19.97 -1.35
C ALA A 244 12.65 -20.41 -0.14
N ARG A 245 13.15 -20.19 1.07
CA ARG A 245 12.46 -20.66 2.31
C ARG A 245 11.03 -20.12 2.33
N VAL A 246 10.82 -18.86 1.90
CA VAL A 246 9.49 -18.18 1.90
C VAL A 246 8.64 -18.81 0.79
N VAL A 247 9.21 -19.12 -0.37
CA VAL A 247 8.43 -19.77 -1.46
C VAL A 247 8.04 -21.16 -0.94
N GLY A 248 8.98 -21.86 -0.30
CA GLY A 248 8.74 -23.20 0.28
C GLY A 248 7.48 -23.24 1.14
N PHE A 249 7.37 -22.33 2.10
CA PHE A 249 6.22 -22.18 3.02
C PHE A 249 4.96 -21.91 2.21
N LEU A 250 4.97 -20.85 1.41
CA LEU A 250 3.82 -20.49 0.55
C LEU A 250 3.27 -21.74 -0.16
N VAL A 251 4.13 -22.54 -0.82
CA VAL A 251 3.71 -23.66 -1.72
C VAL A 251 3.41 -24.94 -0.89
N SER A 252 3.61 -24.89 0.43
CA SER A 252 3.26 -26.01 1.34
C SER A 252 1.75 -25.97 1.54
N ALA A 253 1.19 -26.97 2.23
CA ALA A 253 -0.22 -27.01 2.65
C ALA A 253 -0.42 -25.96 3.74
N GLU A 254 0.61 -25.70 4.55
CA GLU A 254 0.48 -24.81 5.76
C GLU A 254 0.36 -23.34 5.34
N GLY A 255 0.78 -22.99 4.10
CA GLY A 255 0.81 -21.62 3.56
C GLY A 255 -0.45 -21.28 2.80
N GLU A 256 -1.40 -22.23 2.76
CA GLU A 256 -2.67 -22.15 1.98
C GLU A 256 -3.36 -20.80 2.18
N TRP A 257 -3.52 -20.37 3.44
CA TRP A 257 -4.39 -19.20 3.83
C TRP A 257 -3.70 -17.87 3.50
N ILE A 258 -2.47 -17.93 2.98
CA ILE A 258 -1.90 -16.82 2.18
C ILE A 258 -2.31 -17.05 0.73
N ASN A 259 -3.21 -16.20 0.22
CA ASN A 259 -3.68 -16.27 -1.19
C ASN A 259 -3.94 -14.85 -1.72
N GLY A 260 -3.52 -14.56 -2.95
CA GLY A 260 -3.70 -13.25 -3.59
C GLY A 260 -2.75 -12.20 -3.02
N LYS A 261 -1.86 -12.59 -2.09
CA LYS A 261 -0.97 -11.62 -1.39
C LYS A 261 0.40 -11.54 -2.09
N VAL A 262 1.12 -10.46 -1.83
CA VAL A 262 2.51 -10.23 -2.32
C VAL A 262 3.37 -10.13 -1.06
N LEU A 263 4.31 -11.05 -0.87
CA LEU A 263 5.20 -11.02 0.31
C LEU A 263 6.51 -10.35 -0.07
N THR A 264 6.92 -9.31 0.66
CA THR A 264 8.24 -8.66 0.42
C THR A 264 9.27 -9.29 1.37
N VAL A 265 10.28 -9.93 0.78
CA VAL A 265 11.34 -10.61 1.57
C VAL A 265 12.65 -9.86 1.37
N ASP A 266 12.80 -8.75 2.11
CA ASP A 266 13.93 -7.80 1.99
C ASP A 266 14.71 -7.61 3.30
N GLY A 267 14.14 -7.97 4.44
CA GLY A 267 14.82 -7.88 5.75
C GLY A 267 14.54 -6.60 6.51
N GLY A 268 13.55 -5.80 6.13
CA GLY A 268 13.33 -4.49 6.78
C GLY A 268 14.28 -3.48 6.21
N ALA A 269 14.74 -3.75 5.01
CA ALA A 269 15.79 -2.97 4.31
C ALA A 269 15.27 -1.59 3.90
N ALA A 270 16.15 -0.57 3.91
CA ALA A 270 15.87 0.82 3.46
C ALA A 270 16.82 1.21 2.31
N PRO B 13 -5.72 31.09 -9.33
CA PRO B 13 -6.06 30.11 -8.25
C PRO B 13 -6.57 28.76 -8.79
N GLY B 14 -5.65 27.87 -9.16
CA GLY B 14 -5.96 26.62 -9.88
C GLY B 14 -6.08 26.80 -11.39
N ARG B 15 -5.78 28.01 -11.92
CA ARG B 15 -5.97 28.35 -13.36
C ARG B 15 -4.72 27.97 -14.17
N LEU B 16 -4.85 27.97 -15.50
CA LEU B 16 -3.85 27.44 -16.44
C LEU B 16 -3.63 28.42 -17.59
N ASP B 17 -3.79 29.71 -17.33
CA ASP B 17 -3.55 30.77 -18.36
C ASP B 17 -2.10 30.69 -18.83
N GLY B 18 -1.88 30.80 -20.15
CA GLY B 18 -0.56 30.75 -20.81
C GLY B 18 0.01 29.35 -20.90
N LYS B 19 -0.71 28.34 -20.38
CA LYS B 19 -0.32 26.90 -20.41
C LYS B 19 -0.84 26.27 -21.68
N VAL B 20 -0.14 25.24 -22.12
CA VAL B 20 -0.58 24.31 -23.20
C VAL B 20 -0.52 22.92 -22.60
N ALA B 21 -1.56 22.15 -22.86
CA ALA B 21 -1.73 20.75 -22.41
C ALA B 21 -2.04 19.88 -23.64
N LEU B 22 -1.65 18.61 -23.58
CA LEU B 22 -2.01 17.56 -24.57
C LEU B 22 -2.76 16.48 -23.80
N VAL B 23 -3.84 15.94 -24.36
CA VAL B 23 -4.63 14.86 -23.69
C VAL B 23 -4.83 13.73 -24.70
N THR B 24 -4.34 12.52 -24.42
CA THR B 24 -4.44 11.36 -25.37
C THR B 24 -5.85 10.76 -25.27
N GLY B 25 -6.49 10.47 -26.41
CA GLY B 25 -7.88 9.98 -26.45
C GLY B 25 -8.84 10.93 -25.78
N SER B 26 -8.75 12.24 -26.06
CA SER B 26 -9.57 13.31 -25.46
C SER B 26 -10.76 13.64 -26.36
N GLY B 27 -11.01 12.80 -27.39
CA GLY B 27 -12.22 12.88 -28.21
C GLY B 27 -13.44 12.42 -27.42
N ARG B 28 -13.27 11.44 -26.53
CA ARG B 28 -14.37 10.69 -25.87
C ARG B 28 -14.09 10.51 -24.38
N GLY B 29 -15.13 10.25 -23.59
CA GLY B 29 -15.00 9.91 -22.16
C GLY B 29 -14.24 10.83 -21.23
N ILE B 30 -13.50 10.22 -20.30
CA ILE B 30 -12.69 10.96 -19.31
C ILE B 30 -11.81 11.95 -20.04
N GLY B 31 -11.19 11.53 -21.14
CA GLY B 31 -10.30 12.41 -21.91
C GLY B 31 -10.93 13.72 -22.27
N ALA B 32 -12.08 13.68 -22.92
CA ALA B 32 -12.76 14.90 -23.38
C ALA B 32 -13.12 15.76 -22.18
N ALA B 33 -13.51 15.12 -21.09
CA ALA B 33 -13.86 15.84 -19.86
C ALA B 33 -12.67 16.67 -19.41
N VAL B 34 -11.50 16.01 -19.43
CA VAL B 34 -10.18 16.55 -19.01
C VAL B 34 -9.80 17.67 -19.99
N ALA B 35 -9.71 17.36 -21.29
CA ALA B 35 -9.45 18.36 -22.34
C ALA B 35 -10.35 19.60 -22.12
N VAL B 36 -11.66 19.40 -21.94
CA VAL B 36 -12.63 20.52 -21.78
C VAL B 36 -12.33 21.25 -20.47
N HIS B 37 -11.98 20.52 -19.41
CA HIS B 37 -11.70 21.09 -18.07
C HIS B 37 -10.41 21.91 -18.14
N LEU B 38 -9.34 21.43 -18.77
CA LEU B 38 -8.07 22.21 -18.88
C LEU B 38 -8.34 23.50 -19.68
N GLY B 39 -9.17 23.46 -20.72
CA GLY B 39 -9.62 24.66 -21.44
C GLY B 39 -10.36 25.60 -20.52
N LEU B 40 -11.40 25.11 -19.86
CA LEU B 40 -12.19 25.93 -18.90
C LEU B 40 -11.24 26.71 -18.00
N LEU B 41 -10.11 26.11 -17.64
CA LEU B 41 -9.13 26.66 -16.65
C LEU B 41 -8.06 27.51 -17.36
N GLY B 42 -8.11 27.64 -18.68
CA GLY B 42 -7.33 28.65 -19.42
C GLY B 42 -6.23 28.04 -20.27
N ALA B 43 -6.00 26.73 -20.16
CA ALA B 43 -5.00 26.02 -21.00
C ALA B 43 -5.50 26.04 -22.43
N LYS B 44 -4.57 26.22 -23.37
CA LYS B 44 -4.71 25.75 -24.78
C LYS B 44 -4.45 24.24 -24.79
N VAL B 45 -5.07 23.49 -25.69
CA VAL B 45 -5.26 22.03 -25.55
C VAL B 45 -5.10 21.38 -26.92
N VAL B 46 -4.20 20.40 -27.01
CA VAL B 46 -4.09 19.42 -28.13
C VAL B 46 -4.98 18.23 -27.80
N VAL B 47 -5.89 17.91 -28.72
CA VAL B 47 -6.94 16.86 -28.55
C VAL B 47 -6.50 15.68 -29.41
N ASN B 48 -6.07 14.57 -28.80
CA ASN B 48 -5.60 13.38 -29.57
C ASN B 48 -6.75 12.37 -29.73
N TYR B 49 -6.93 11.89 -30.96
CA TYR B 49 -7.84 10.79 -31.32
C TYR B 49 -7.05 9.81 -32.20
N ALA B 50 -7.55 8.59 -32.30
CA ALA B 50 -7.01 7.52 -33.16
C ALA B 50 -8.10 7.01 -34.11
N ASN B 51 -9.36 7.01 -33.67
CA ASN B 51 -10.52 6.35 -34.35
C ASN B 51 -11.72 7.29 -34.52
N SER B 52 -11.82 8.38 -33.74
CA SER B 52 -13.06 9.17 -33.54
C SER B 52 -12.84 10.64 -33.80
N PRO B 53 -12.63 11.04 -35.09
CA PRO B 53 -12.33 12.43 -35.44
C PRO B 53 -13.54 13.36 -35.27
N THR B 54 -14.73 12.78 -35.41
CA THR B 54 -16.01 13.50 -35.39
C THR B 54 -16.26 14.03 -33.96
N HIS B 55 -16.00 13.22 -32.91
CA HIS B 55 -16.05 13.59 -31.46
C HIS B 55 -14.92 14.54 -31.09
N ALA B 56 -13.73 14.29 -31.65
CA ALA B 56 -12.52 15.12 -31.47
C ALA B 56 -12.84 16.54 -31.89
N GLN B 57 -13.51 16.70 -33.05
CA GLN B 57 -13.91 18.03 -33.58
C GLN B 57 -14.90 18.68 -32.60
N LYS B 58 -15.80 17.90 -32.01
CA LYS B 58 -16.80 18.42 -31.03
C LYS B 58 -16.04 19.08 -29.88
N VAL B 59 -15.02 18.39 -29.36
CA VAL B 59 -14.23 18.80 -28.16
C VAL B 59 -13.45 20.07 -28.50
N VAL B 60 -12.81 20.14 -29.67
CA VAL B 60 -12.02 21.35 -30.03
C VAL B 60 -12.98 22.54 -30.06
N ASP B 61 -14.19 22.36 -30.60
CA ASP B 61 -15.21 23.45 -30.78
C ASP B 61 -15.61 23.93 -29.39
N GLU B 62 -15.95 22.99 -28.52
CA GLU B 62 -16.38 23.25 -27.13
C GLU B 62 -15.33 24.10 -26.39
N ILE B 63 -14.04 23.74 -26.47
CA ILE B 63 -12.87 24.50 -25.91
C ILE B 63 -12.73 25.87 -26.60
N LYS B 64 -12.97 25.98 -27.90
CA LYS B 64 -13.01 27.30 -28.60
C LYS B 64 -14.20 28.09 -28.07
N GLN B 65 -15.34 27.40 -27.89
CA GLN B 65 -16.64 27.97 -27.44
C GLN B 65 -16.49 28.68 -26.08
N LEU B 66 -15.73 28.11 -25.15
CA LEU B 66 -15.59 28.69 -23.78
C LEU B 66 -14.33 29.57 -23.68
N GLY B 67 -13.63 29.82 -24.78
CA GLY B 67 -12.72 30.98 -24.89
C GLY B 67 -11.24 30.61 -24.80
N SER B 68 -10.89 29.34 -25.01
CA SER B 68 -9.48 28.89 -25.18
C SER B 68 -9.30 28.40 -26.63
N ASP B 69 -8.06 28.18 -27.05
CA ASP B 69 -7.77 27.62 -28.39
C ASP B 69 -7.51 26.12 -28.24
N ALA B 70 -7.62 25.37 -29.35
CA ALA B 70 -7.37 23.91 -29.41
C ALA B 70 -7.17 23.44 -30.86
N ILE B 71 -6.73 22.18 -30.99
CA ILE B 71 -6.51 21.45 -32.28
C ILE B 71 -6.69 19.94 -32.03
N ALA B 72 -7.25 19.24 -33.01
CA ALA B 72 -7.28 17.76 -33.06
C ALA B 72 -6.02 17.27 -33.78
N ILE B 73 -5.34 16.24 -33.25
CA ILE B 73 -4.20 15.57 -33.93
C ILE B 73 -4.37 14.04 -33.89
N LYS B 74 -4.54 13.40 -35.05
CA LYS B 74 -4.60 11.92 -35.19
C LYS B 74 -3.24 11.34 -34.77
N ALA B 75 -3.24 10.33 -33.89
CA ALA B 75 -2.08 9.47 -33.59
C ALA B 75 -2.55 8.23 -32.83
N ASP B 76 -2.28 7.04 -33.39
CA ASP B 76 -2.42 5.74 -32.68
C ASP B 76 -1.26 5.66 -31.69
N VAL B 77 -1.55 5.72 -30.38
CA VAL B 77 -0.46 5.78 -29.36
C VAL B 77 0.01 4.37 -29.01
N ARG B 78 -0.29 3.40 -29.87
CA ARG B 78 0.40 2.08 -29.89
C ARG B 78 1.70 2.21 -30.69
N GLN B 79 1.68 2.92 -31.83
CA GLN B 79 2.91 3.17 -32.62
C GLN B 79 3.67 4.32 -31.92
N VAL B 80 4.90 4.07 -31.44
CA VAL B 80 5.77 5.09 -30.77
C VAL B 80 6.15 6.17 -31.79
N PRO B 81 6.42 5.83 -33.07
CA PRO B 81 6.69 6.86 -34.09
C PRO B 81 5.58 7.92 -34.17
N GLU B 82 4.32 7.50 -34.07
CA GLU B 82 3.13 8.41 -34.13
C GLU B 82 3.02 9.21 -32.83
N ILE B 83 3.45 8.69 -31.67
CA ILE B 83 3.56 9.47 -30.39
C ILE B 83 4.57 10.60 -30.59
N VAL B 84 5.70 10.31 -31.25
CA VAL B 84 6.80 11.27 -31.52
C VAL B 84 6.24 12.44 -32.34
N ARG B 85 5.54 12.14 -33.45
CA ARG B 85 4.98 13.16 -34.39
C ARG B 85 3.98 14.02 -33.60
N LEU B 86 3.11 13.35 -32.82
CA LEU B 86 1.98 14.00 -32.10
C LEU B 86 2.52 15.13 -31.23
N PHE B 87 3.56 14.82 -30.43
CA PHE B 87 4.24 15.74 -29.49
C PHE B 87 5.03 16.79 -30.31
N ASP B 88 5.65 16.39 -31.42
CA ASP B 88 6.44 17.33 -32.27
C ASP B 88 5.46 18.38 -32.78
N GLU B 89 4.34 17.91 -33.35
CA GLU B 89 3.30 18.74 -34.00
C GLU B 89 2.64 19.66 -32.96
N ALA B 90 2.42 19.16 -31.74
CA ALA B 90 1.94 19.90 -30.55
C ALA B 90 2.87 21.08 -30.23
N VAL B 91 4.19 20.87 -30.17
CA VAL B 91 5.19 21.97 -29.92
C VAL B 91 5.29 22.83 -31.18
N ALA B 92 5.18 22.21 -32.37
CA ALA B 92 5.06 22.95 -33.65
C ALA B 92 3.94 23.98 -33.48
N HIS B 93 2.72 23.50 -33.21
CA HIS B 93 1.48 24.31 -33.32
C HIS B 93 1.38 25.39 -32.24
N PHE B 94 1.69 25.07 -30.98
CA PHE B 94 1.50 26.00 -29.83
C PHE B 94 2.84 26.55 -29.32
N GLY B 95 3.98 25.97 -29.76
CA GLY B 95 5.33 26.55 -29.56
C GLY B 95 5.85 26.32 -28.16
N GLN B 96 5.23 25.39 -27.45
CA GLN B 96 5.55 24.97 -26.07
C GLN B 96 4.51 23.92 -25.68
N LEU B 97 4.74 23.23 -24.56
CA LEU B 97 3.77 22.28 -23.95
C LEU B 97 4.17 22.14 -22.48
N ASP B 98 3.21 22.37 -21.59
CA ASP B 98 3.43 22.41 -20.12
C ASP B 98 2.93 21.13 -19.46
N ILE B 99 1.84 20.58 -20.01
CA ILE B 99 0.92 19.60 -19.37
C ILE B 99 0.70 18.48 -20.39
N ALA B 100 0.70 17.23 -19.98
CA ALA B 100 0.58 16.08 -20.89
C ALA B 100 -0.20 15.00 -20.14
N VAL B 101 -1.41 14.69 -20.58
CA VAL B 101 -2.24 13.69 -19.89
C VAL B 101 -2.32 12.44 -20.77
N SER B 102 -1.65 11.37 -20.32
CA SER B 102 -1.79 9.98 -20.80
C SER B 102 -3.12 9.44 -20.28
N ASN B 103 -4.09 9.27 -21.17
CA ASN B 103 -5.49 8.88 -20.84
C ASN B 103 -5.88 7.64 -21.64
N SER B 104 -5.56 7.58 -22.94
CA SER B 104 -6.08 6.55 -23.87
C SER B 104 -5.94 5.16 -23.27
N GLY B 105 -7.04 4.41 -23.11
CA GLY B 105 -6.98 3.02 -22.64
C GLY B 105 -8.05 2.13 -23.27
N VAL B 106 -7.91 0.82 -23.10
CA VAL B 106 -8.92 -0.20 -23.48
C VAL B 106 -9.16 -1.16 -22.30
N VAL B 107 -10.28 -1.88 -22.34
CA VAL B 107 -10.67 -2.84 -21.28
C VAL B 107 -10.68 -4.25 -21.86
N SER B 108 -10.36 -5.26 -21.04
CA SER B 108 -10.33 -6.70 -21.40
C SER B 108 -10.98 -7.48 -20.28
N PHE B 109 -11.79 -8.46 -20.64
CA PHE B 109 -12.54 -9.34 -19.70
C PHE B 109 -12.21 -10.79 -20.09
N GLY B 110 -11.88 -11.61 -19.10
CA GLY B 110 -11.64 -13.04 -19.32
C GLY B 110 -10.96 -13.71 -18.15
N HIS B 111 -11.30 -14.97 -17.89
CA HIS B 111 -10.55 -15.87 -16.96
C HIS B 111 -9.12 -15.99 -17.50
N LEU B 112 -8.16 -16.09 -16.57
CA LEU B 112 -6.72 -16.24 -16.86
C LEU B 112 -6.51 -17.32 -17.93
N LYS B 113 -7.23 -18.44 -17.80
CA LYS B 113 -7.11 -19.60 -18.73
C LYS B 113 -7.42 -19.19 -20.18
N ASP B 114 -8.22 -18.15 -20.37
CA ASP B 114 -8.84 -17.83 -21.69
C ASP B 114 -8.06 -16.74 -22.42
N VAL B 115 -7.20 -16.01 -21.70
CA VAL B 115 -6.49 -14.84 -22.29
C VAL B 115 -5.42 -15.29 -23.28
N THR B 116 -5.41 -14.64 -24.43
CA THR B 116 -4.52 -15.01 -25.55
C THR B 116 -3.39 -13.98 -25.67
N GLU B 117 -2.29 -14.36 -26.32
CA GLU B 117 -1.14 -13.44 -26.52
C GLU B 117 -1.61 -12.18 -27.23
N GLU B 118 -2.52 -12.34 -28.18
CA GLU B 118 -3.02 -11.19 -28.98
C GLU B 118 -3.84 -10.23 -28.12
N GLU B 119 -4.64 -10.73 -27.17
CA GLU B 119 -5.41 -9.85 -26.27
C GLU B 119 -4.45 -9.11 -25.33
N PHE B 120 -3.52 -9.82 -24.69
CA PHE B 120 -2.51 -9.20 -23.82
C PHE B 120 -1.76 -8.13 -24.59
N ASP B 121 -1.42 -8.43 -25.84
CA ASP B 121 -0.61 -7.51 -26.67
C ASP B 121 -1.47 -6.34 -27.12
N ARG B 122 -2.77 -6.54 -27.25
CA ARG B 122 -3.68 -5.43 -27.60
C ARG B 122 -3.86 -4.54 -26.38
N VAL B 123 -3.88 -5.14 -25.21
CA VAL B 123 -4.09 -4.38 -23.94
C VAL B 123 -2.79 -3.66 -23.56
N PHE B 124 -1.68 -4.38 -23.38
CA PHE B 124 -0.42 -3.78 -22.90
C PHE B 124 0.09 -2.76 -23.91
N SER B 125 -0.07 -2.99 -25.21
CA SER B 125 0.52 -2.15 -26.29
C SER B 125 0.08 -0.71 -26.08
N LEU B 126 -1.16 -0.50 -25.60
CA LEU B 126 -1.83 0.82 -25.51
C LEU B 126 -1.82 1.33 -24.08
N ASN B 127 -2.26 0.48 -23.14
CA ASN B 127 -2.55 0.83 -21.72
C ASN B 127 -1.24 1.03 -20.94
N THR B 128 -0.21 0.24 -21.27
CA THR B 128 1.07 0.15 -20.51
C THR B 128 2.20 0.74 -21.37
N ARG B 129 2.51 0.07 -22.48
CA ARG B 129 3.65 0.44 -23.36
C ARG B 129 3.37 1.81 -24.00
N GLY B 130 2.16 2.04 -24.50
CA GLY B 130 1.80 3.30 -25.15
C GLY B 130 1.95 4.48 -24.20
N GLN B 131 1.32 4.35 -23.03
CA GLN B 131 1.36 5.37 -21.94
C GLN B 131 2.82 5.59 -21.54
N PHE B 132 3.60 4.51 -21.44
CA PHE B 132 5.03 4.61 -21.03
C PHE B 132 5.77 5.62 -21.92
N PHE B 133 5.54 5.54 -23.24
CA PHE B 133 6.28 6.29 -24.30
C PHE B 133 5.67 7.68 -24.49
N VAL B 134 4.35 7.84 -24.30
CA VAL B 134 3.68 9.18 -24.20
C VAL B 134 4.38 9.98 -23.09
N ALA B 135 4.72 9.33 -21.99
CA ALA B 135 5.41 9.94 -20.82
C ALA B 135 6.87 10.26 -21.16
N ARG B 136 7.56 9.39 -21.91
CA ARG B 136 8.93 9.67 -22.43
C ARG B 136 8.88 10.93 -23.32
N GLU B 137 7.91 11.00 -24.23
CA GLU B 137 7.82 12.10 -25.23
C GLU B 137 7.26 13.35 -24.53
N ALA B 138 6.36 13.18 -23.55
CA ALA B 138 5.96 14.26 -22.61
C ALA B 138 7.24 14.89 -22.02
N TYR B 139 8.08 14.08 -21.37
CA TYR B 139 9.31 14.60 -20.71
C TYR B 139 10.28 15.26 -21.70
N LYS B 140 10.42 14.71 -22.92
CA LYS B 140 11.39 15.24 -23.91
C LYS B 140 10.90 16.58 -24.48
N HIS B 141 9.58 16.83 -24.53
CA HIS B 141 8.99 18.03 -25.19
C HIS B 141 8.55 19.11 -24.18
N LEU B 142 8.46 18.78 -22.89
CA LEU B 142 7.74 19.59 -21.86
C LEU B 142 8.65 20.72 -21.36
N ASN B 143 8.01 21.82 -21.05
CA ASN B 143 8.74 22.93 -20.39
C ASN B 143 9.06 22.52 -18.95
N ASN B 144 9.98 23.24 -18.34
CA ASN B 144 10.39 23.06 -16.94
C ASN B 144 9.21 23.47 -16.06
N GLY B 145 9.03 22.76 -14.95
CA GLY B 145 7.92 22.99 -14.03
C GLY B 145 6.65 22.49 -14.61
N GLY B 146 6.75 21.56 -15.53
CA GLY B 146 5.59 21.07 -16.27
C GLY B 146 4.91 19.94 -15.52
N ARG B 147 3.90 19.34 -16.13
CA ARG B 147 3.07 18.28 -15.51
C ARG B 147 2.89 17.09 -16.47
N ILE B 148 3.10 15.86 -15.96
CA ILE B 148 2.68 14.58 -16.62
C ILE B 148 1.66 13.88 -15.71
N ILE B 149 0.50 13.51 -16.27
CA ILE B 149 -0.56 12.70 -15.63
C ILE B 149 -0.69 11.41 -16.42
N MET B 150 -0.73 10.29 -15.73
CA MET B 150 -0.96 8.97 -16.35
C MET B 150 -2.25 8.40 -15.76
N THR B 151 -2.79 7.33 -16.33
CA THR B 151 -4.13 6.83 -15.92
C THR B 151 -4.12 5.36 -15.52
N SER B 152 -4.55 5.05 -14.28
CA SER B 152 -4.68 3.65 -13.80
C SER B 152 -6.13 3.23 -13.56
N SER B 153 -6.38 2.51 -12.48
CA SER B 153 -7.71 1.97 -12.12
C SER B 153 -7.66 1.53 -10.65
N ASN B 154 -8.74 1.70 -9.89
CA ASN B 154 -8.82 1.21 -8.49
C ASN B 154 -8.71 -0.31 -8.48
N THR B 155 -8.61 -0.92 -9.66
CA THR B 155 -8.52 -2.40 -9.81
C THR B 155 -7.05 -2.84 -9.82
N SER B 156 -6.13 -1.91 -10.00
CA SER B 156 -4.69 -2.19 -9.93
C SER B 156 -4.37 -2.82 -8.58
N ARG B 157 -4.75 -2.12 -7.52
CA ARG B 157 -4.45 -2.61 -6.16
C ARG B 157 -5.72 -2.75 -5.32
N ASP B 158 -6.42 -1.65 -5.05
CA ASP B 158 -7.56 -1.65 -4.10
C ASP B 158 -8.59 -2.76 -4.38
N PHE B 159 -9.06 -2.92 -5.60
CA PHE B 159 -10.15 -3.91 -5.80
C PHE B 159 -9.77 -5.00 -6.81
N SER B 160 -10.30 -6.19 -6.55
CA SER B 160 -9.92 -7.46 -7.19
C SER B 160 -11.18 -8.12 -7.72
N VAL B 161 -11.44 -7.88 -9.00
CA VAL B 161 -12.67 -8.27 -9.74
C VAL B 161 -12.37 -9.55 -10.53
N PRO B 162 -13.10 -10.67 -10.29
CA PRO B 162 -12.86 -11.88 -11.07
C PRO B 162 -12.77 -11.53 -12.56
N LYS B 163 -11.78 -12.11 -13.26
CA LYS B 163 -11.67 -12.16 -14.74
C LYS B 163 -11.27 -10.79 -15.26
N PHE B 164 -10.57 -10.01 -14.43
CA PHE B 164 -10.12 -8.63 -14.76
C PHE B 164 -8.58 -8.57 -14.74
N SER B 165 -7.88 -9.72 -14.64
CA SER B 165 -6.42 -9.84 -14.38
C SER B 165 -5.58 -9.09 -15.42
N LEU B 166 -5.93 -9.13 -16.70
CA LEU B 166 -5.13 -8.46 -17.75
C LEU B 166 -5.20 -6.95 -17.55
N TYR B 167 -6.41 -6.36 -17.53
CA TYR B 167 -6.62 -4.88 -17.43
C TYR B 167 -5.88 -4.34 -16.19
N SER B 168 -6.08 -5.01 -15.05
CA SER B 168 -5.51 -4.60 -13.74
C SER B 168 -3.97 -4.60 -13.83
N GLY B 169 -3.39 -5.67 -14.39
CA GLY B 169 -1.95 -5.76 -14.64
C GLY B 169 -1.45 -4.61 -15.48
N SER B 170 -2.13 -4.33 -16.59
CA SER B 170 -1.76 -3.27 -17.56
C SER B 170 -1.56 -1.98 -16.78
N LYS B 171 -2.41 -1.77 -15.77
CA LYS B 171 -2.53 -0.49 -15.05
C LYS B 171 -1.75 -0.51 -13.73
N GLY B 172 -1.46 -1.67 -13.16
CA GLY B 172 -0.50 -1.80 -12.05
C GLY B 172 0.92 -1.41 -12.47
N ALA B 173 1.37 -1.80 -13.65
CA ALA B 173 2.59 -1.23 -14.27
C ALA B 173 2.59 0.27 -14.08
N ILE B 174 1.51 0.95 -14.46
CA ILE B 174 1.44 2.43 -14.51
C ILE B 174 1.76 3.01 -13.14
N ASP B 175 1.32 2.35 -12.07
CA ASP B 175 1.44 2.85 -10.66
C ASP B 175 2.91 2.88 -10.27
N SER B 176 3.64 1.83 -10.62
CA SER B 176 5.10 1.75 -10.40
C SER B 176 5.76 2.81 -11.27
N PHE B 177 5.36 2.94 -12.54
CA PHE B 177 5.96 3.91 -13.48
C PHE B 177 6.00 5.30 -12.84
N VAL B 178 4.85 5.85 -12.43
CA VAL B 178 4.69 7.27 -12.00
C VAL B 178 5.55 7.59 -10.77
N ARG B 179 5.84 6.56 -9.98
CA ARG B 179 6.57 6.69 -8.71
C ARG B 179 8.02 7.04 -9.05
N ILE B 180 8.61 6.26 -9.96
CA ILE B 180 10.02 6.43 -10.42
C ILE B 180 10.09 7.61 -11.41
N PHE B 181 9.14 7.71 -12.34
CA PHE B 181 9.07 8.82 -13.32
C PHE B 181 9.24 10.16 -12.58
N SER B 182 8.65 10.28 -11.37
CA SER B 182 8.65 11.52 -10.55
C SER B 182 10.08 11.89 -10.17
N LYS B 183 10.98 10.93 -10.10
CA LYS B 183 12.40 11.17 -9.73
C LYS B 183 13.18 11.59 -10.96
N ASP B 184 13.03 10.85 -12.03
CA ASP B 184 13.72 11.12 -13.31
C ASP B 184 13.32 12.48 -13.86
N CYS B 185 12.04 12.84 -13.74
CA CYS B 185 11.53 14.15 -14.23
C CYS B 185 11.75 15.22 -13.16
N GLY B 186 12.72 15.00 -12.27
CA GLY B 186 13.02 15.97 -11.19
C GLY B 186 14.11 16.95 -11.59
N ASP B 187 14.69 16.76 -12.78
CA ASP B 187 15.77 17.66 -13.28
C ASP B 187 15.14 18.84 -14.03
N LYS B 188 13.93 18.66 -14.55
CA LYS B 188 13.22 19.73 -15.29
C LYS B 188 12.00 20.21 -14.49
N LYS B 189 12.01 19.97 -13.18
CA LYS B 189 10.89 20.38 -12.28
C LYS B 189 9.56 19.91 -12.87
N ILE B 190 9.48 18.63 -13.25
CA ILE B 190 8.23 18.05 -13.85
C ILE B 190 7.66 17.02 -12.87
N THR B 191 6.39 17.19 -12.48
CA THR B 191 5.72 16.25 -11.54
C THR B 191 4.99 15.19 -12.36
N VAL B 192 4.87 13.99 -11.80
CA VAL B 192 4.30 12.80 -12.50
C VAL B 192 3.38 12.09 -11.51
N ASN B 193 2.12 12.01 -11.87
CA ASN B 193 1.07 11.41 -11.02
C ASN B 193 0.14 10.61 -11.92
N ALA B 194 -0.51 9.59 -11.36
CA ALA B 194 -1.63 8.90 -12.01
C ALA B 194 -2.89 9.20 -11.20
N VAL B 195 -3.99 9.46 -11.90
CA VAL B 195 -5.35 9.27 -11.34
C VAL B 195 -5.72 7.82 -11.64
N ALA B 196 -6.47 7.22 -10.72
CA ALA B 196 -6.97 5.84 -10.82
C ALA B 196 -8.50 5.90 -10.70
N PRO B 197 -9.16 6.18 -11.86
CA PRO B 197 -10.59 6.25 -11.88
C PRO B 197 -11.24 4.95 -11.42
N GLY B 198 -12.46 5.06 -10.91
CA GLY B 198 -13.24 3.87 -10.58
C GLY B 198 -14.27 3.73 -11.67
N GLY B 199 -15.46 3.26 -11.35
CA GLY B 199 -16.53 3.22 -12.35
C GLY B 199 -16.98 4.61 -12.75
N THR B 200 -16.56 5.06 -13.92
CA THR B 200 -16.89 6.43 -14.43
C THR B 200 -17.77 6.28 -15.67
N VAL B 201 -18.92 6.95 -15.73
CA VAL B 201 -19.90 6.73 -16.85
C VAL B 201 -19.35 7.20 -18.20
N THR B 202 -18.86 6.25 -19.00
CA THR B 202 -18.27 6.43 -20.35
C THR B 202 -18.61 5.20 -21.21
N ASP B 203 -18.17 5.16 -22.48
CA ASP B 203 -18.41 4.00 -23.39
C ASP B 203 -17.77 2.71 -22.82
N MET B 204 -16.61 2.83 -22.16
CA MET B 204 -15.87 1.68 -21.58
C MET B 204 -16.66 1.11 -20.40
N PHE B 205 -17.26 1.97 -19.57
CA PHE B 205 -18.07 1.58 -18.37
C PHE B 205 -19.29 0.74 -18.74
N HIS B 206 -20.08 1.16 -19.72
CA HIS B 206 -21.28 0.42 -20.22
C HIS B 206 -20.83 -0.94 -20.73
N ASP B 207 -19.59 -1.02 -21.21
CA ASP B 207 -19.01 -2.23 -21.83
C ASP B 207 -18.85 -3.33 -20.77
N VAL B 208 -18.51 -3.00 -19.53
CA VAL B 208 -18.13 -4.02 -18.51
C VAL B 208 -19.06 -3.99 -17.29
N SER B 209 -19.97 -3.03 -17.20
CA SER B 209 -21.16 -3.21 -16.33
C SER B 209 -21.90 -4.45 -16.86
N GLN B 210 -21.85 -4.65 -18.17
CA GLN B 210 -22.50 -5.83 -18.79
C GLN B 210 -21.81 -7.08 -18.25
N HIS B 211 -20.54 -7.26 -18.57
CA HIS B 211 -19.84 -8.52 -18.19
C HIS B 211 -19.72 -8.70 -16.68
N TYR B 212 -19.60 -7.61 -15.91
CA TYR B 212 -19.34 -7.77 -14.46
C TYR B 212 -20.62 -7.49 -13.66
N TYR B 219 -29.97 -6.52 -18.48
CA TYR B 219 -30.34 -5.19 -17.96
C TYR B 219 -30.02 -4.12 -19.01
N THR B 220 -30.42 -2.87 -18.75
CA THR B 220 -30.03 -1.77 -19.67
C THR B 220 -28.82 -1.08 -19.07
N PRO B 221 -28.07 -0.23 -19.80
CA PRO B 221 -26.98 0.51 -19.19
C PRO B 221 -27.50 1.27 -17.98
N GLU B 222 -28.62 1.98 -18.15
CA GLU B 222 -29.20 2.82 -17.07
C GLU B 222 -29.52 1.93 -15.86
N GLU B 223 -29.94 0.68 -16.11
CA GLU B 223 -30.29 -0.31 -15.05
C GLU B 223 -29.01 -0.78 -14.35
N ARG B 224 -27.92 -0.92 -15.11
CA ARG B 224 -26.61 -1.36 -14.54
C ARG B 224 -25.93 -0.16 -13.89
N GLN B 225 -26.18 1.05 -14.41
CA GLN B 225 -25.73 2.34 -13.80
C GLN B 225 -26.42 2.56 -12.45
N LYS B 226 -27.75 2.39 -12.39
CA LYS B 226 -28.57 2.62 -11.16
C LYS B 226 -28.05 1.73 -10.02
N MET B 227 -27.71 0.47 -10.32
CA MET B 227 -27.26 -0.54 -9.31
C MET B 227 -25.83 -0.22 -8.85
N ALA B 228 -25.02 0.40 -9.73
CA ALA B 228 -23.59 0.74 -9.49
C ALA B 228 -23.48 2.02 -8.64
N ALA B 229 -24.51 2.87 -8.70
CA ALA B 229 -24.65 4.11 -7.91
C ALA B 229 -24.51 3.84 -6.39
N HIS B 230 -24.82 2.61 -5.94
CA HIS B 230 -24.88 2.25 -4.49
C HIS B 230 -23.48 1.83 -4.00
N ALA B 231 -22.54 1.58 -4.91
CA ALA B 231 -21.12 1.29 -4.59
C ALA B 231 -20.55 2.40 -3.70
N SER B 232 -20.77 3.66 -4.08
CA SER B 232 -20.31 4.87 -3.37
C SER B 232 -21.17 5.11 -2.13
N PRO B 233 -20.56 5.52 -1.01
CA PRO B 233 -21.33 6.05 0.12
C PRO B 233 -21.98 7.41 -0.15
N LEU B 234 -21.64 8.07 -1.27
CA LEU B 234 -22.30 9.31 -1.78
C LEU B 234 -23.49 8.96 -2.69
N HIS B 235 -23.71 7.69 -3.01
CA HIS B 235 -24.86 7.22 -3.83
C HIS B 235 -24.88 7.95 -5.17
N ARG B 236 -23.83 7.78 -5.96
CA ARG B 236 -23.68 8.41 -7.28
C ARG B 236 -22.70 7.51 -8.03
N ASN B 237 -22.71 7.47 -9.35
CA ASN B 237 -21.91 6.48 -10.11
C ASN B 237 -20.55 6.99 -10.54
N GLY B 238 -20.30 8.29 -10.60
CA GLY B 238 -18.97 8.67 -11.10
C GLY B 238 -18.97 9.09 -12.56
N PHE B 239 -18.65 10.35 -12.84
CA PHE B 239 -18.64 10.86 -14.23
C PHE B 239 -17.30 11.50 -14.60
N PRO B 240 -16.98 11.64 -15.91
CA PRO B 240 -15.74 12.27 -16.36
C PRO B 240 -15.30 13.55 -15.61
N GLU B 241 -16.24 14.48 -15.41
CA GLU B 241 -16.00 15.78 -14.70
C GLU B 241 -15.33 15.53 -13.34
N ASP B 242 -15.72 14.46 -12.61
CA ASP B 242 -15.14 14.03 -11.30
C ASP B 242 -13.63 13.79 -11.41
N ILE B 243 -13.22 13.05 -12.43
CA ILE B 243 -11.80 12.69 -12.72
C ILE B 243 -11.09 13.96 -13.20
N ALA B 244 -11.71 14.71 -14.11
CA ALA B 244 -11.12 15.88 -14.80
C ALA B 244 -10.80 16.96 -13.76
N ARG B 245 -11.66 17.12 -12.76
CA ARG B 245 -11.39 18.07 -11.67
C ARG B 245 -10.06 17.74 -11.00
N VAL B 246 -9.78 16.47 -10.75
CA VAL B 246 -8.59 16.07 -9.96
C VAL B 246 -7.34 16.26 -10.81
N VAL B 247 -7.40 15.95 -12.11
CA VAL B 247 -6.31 16.26 -13.08
C VAL B 247 -6.07 17.78 -13.13
N GLY B 248 -7.12 18.58 -13.26
CA GLY B 248 -7.04 20.05 -13.21
C GLY B 248 -6.24 20.53 -12.00
N PHE B 249 -6.36 19.85 -10.87
CA PHE B 249 -5.67 20.26 -9.62
C PHE B 249 -4.19 19.87 -9.69
N LEU B 250 -3.94 18.59 -9.98
CA LEU B 250 -2.58 18.03 -10.05
C LEU B 250 -1.75 18.90 -11.00
N VAL B 251 -2.32 19.30 -12.14
CA VAL B 251 -1.57 19.95 -13.24
C VAL B 251 -1.57 21.46 -13.07
N SER B 252 -2.25 21.97 -12.04
CA SER B 252 -2.16 23.39 -11.61
C SER B 252 -0.90 23.56 -10.75
N ALA B 253 -0.50 24.82 -10.57
CA ALA B 253 0.72 25.20 -9.84
C ALA B 253 0.59 24.69 -8.41
N GLU B 254 -0.64 24.76 -7.87
CA GLU B 254 -1.01 24.44 -6.46
C GLU B 254 -0.85 22.93 -6.18
N GLY B 255 -0.94 22.09 -7.21
CA GLY B 255 -0.82 20.62 -7.06
C GLY B 255 0.63 20.16 -7.09
N GLU B 256 1.60 21.09 -7.07
CA GLU B 256 3.04 20.77 -7.26
C GLU B 256 3.50 19.75 -6.22
N TRP B 257 3.05 19.86 -4.96
CA TRP B 257 3.58 19.02 -3.85
C TRP B 257 2.99 17.58 -3.91
N ILE B 258 1.87 17.37 -4.63
CA ILE B 258 1.46 15.99 -5.07
C ILE B 258 2.30 15.60 -6.29
N ASN B 259 3.21 14.64 -6.10
CA ASN B 259 4.29 14.29 -7.05
C ASN B 259 4.69 12.85 -6.76
N GLY B 260 4.62 11.98 -7.77
CA GLY B 260 4.90 10.52 -7.65
C GLY B 260 3.75 9.72 -7.04
N LYS B 261 2.50 10.18 -7.12
CA LYS B 261 1.38 9.56 -6.37
C LYS B 261 0.31 9.06 -7.34
N VAL B 262 -0.39 8.01 -6.90
CA VAL B 262 -1.61 7.44 -7.54
C VAL B 262 -2.79 7.95 -6.69
N LEU B 263 -3.61 8.79 -7.30
CA LEU B 263 -4.85 9.39 -6.74
C LEU B 263 -6.06 8.55 -7.21
N THR B 264 -6.76 7.92 -6.27
CA THR B 264 -7.87 7.03 -6.64
C THR B 264 -9.18 7.83 -6.55
N VAL B 265 -9.79 8.09 -7.71
CA VAL B 265 -11.04 8.90 -7.78
C VAL B 265 -12.21 7.95 -8.02
N ASP B 266 -12.73 7.35 -6.95
CA ASP B 266 -13.84 6.39 -6.99
C ASP B 266 -14.94 6.88 -6.05
N GLY B 267 -14.82 8.09 -5.55
CA GLY B 267 -15.75 8.59 -4.50
C GLY B 267 -15.95 7.62 -3.36
N GLY B 268 -14.93 6.85 -2.95
CA GLY B 268 -15.03 5.89 -1.82
C GLY B 268 -15.66 4.56 -2.19
N ALA B 269 -16.06 4.39 -3.46
CA ALA B 269 -16.89 3.29 -4.00
C ALA B 269 -16.39 1.90 -3.59
N ALA B 270 -17.36 0.98 -3.38
CA ALA B 270 -17.28 -0.49 -3.15
C ALA B 270 -16.23 -0.80 -2.10
N HIS C 11 -14.40 28.93 -14.66
CA HIS C 11 -13.61 30.20 -14.63
C HIS C 11 -12.90 30.34 -13.28
N ILE C 12 -13.68 30.41 -12.17
CA ILE C 12 -13.16 30.54 -10.77
C ILE C 12 -13.45 29.24 -9.98
N PRO C 13 -12.48 28.27 -10.03
CA PRO C 13 -12.70 26.92 -9.52
C PRO C 13 -12.50 26.81 -7.99
N GLY C 14 -13.07 25.77 -7.41
CA GLY C 14 -12.80 25.33 -6.03
C GLY C 14 -12.77 26.46 -5.01
N ARG C 15 -13.65 27.46 -5.12
CA ARG C 15 -13.87 28.49 -4.07
C ARG C 15 -14.82 27.92 -3.03
N LEU C 16 -14.91 28.57 -1.86
CA LEU C 16 -15.66 28.09 -0.67
C LEU C 16 -16.60 29.19 -0.14
N ASP C 17 -17.13 30.03 -1.03
CA ASP C 17 -18.04 31.17 -0.74
C ASP C 17 -19.35 30.66 -0.07
N GLY C 18 -19.76 31.29 1.03
CA GLY C 18 -20.91 30.89 1.86
C GLY C 18 -20.57 29.75 2.84
N LYS C 19 -19.40 29.12 2.70
CA LYS C 19 -19.02 27.95 3.53
C LYS C 19 -18.30 28.42 4.80
N VAL C 20 -18.40 27.65 5.87
CA VAL C 20 -17.67 27.83 7.16
C VAL C 20 -16.74 26.64 7.34
N ALA C 21 -15.53 26.91 7.83
CA ALA C 21 -14.52 25.85 8.06
C ALA C 21 -13.96 25.97 9.47
N LEU C 22 -13.53 24.84 10.03
CA LEU C 22 -12.84 24.80 11.33
C LEU C 22 -11.54 24.04 11.12
N VAL C 23 -10.41 24.65 11.43
CA VAL C 23 -9.08 23.97 11.45
C VAL C 23 -8.62 23.89 12.91
N THR C 24 -8.32 22.68 13.43
CA THR C 24 -7.69 22.50 14.77
C THR C 24 -6.22 22.91 14.66
N GLY C 25 -5.68 23.48 15.75
CA GLY C 25 -4.29 23.98 15.82
C GLY C 25 -3.91 24.78 14.58
N SER C 26 -4.72 25.81 14.25
CA SER C 26 -4.51 26.69 13.07
C SER C 26 -3.91 28.03 13.50
N GLY C 27 -3.33 28.08 14.71
CA GLY C 27 -2.46 29.18 15.18
C GLY C 27 -1.06 29.14 14.57
N ARG C 28 -0.47 27.95 14.36
CA ARG C 28 0.92 27.80 13.85
C ARG C 28 1.02 26.83 12.67
N GLY C 29 2.21 26.76 12.06
CA GLY C 29 2.60 25.80 11.02
C GLY C 29 1.52 25.53 10.00
N ILE C 30 1.24 24.26 9.75
CA ILE C 30 0.36 23.80 8.63
C ILE C 30 -1.05 24.35 8.88
N GLY C 31 -1.61 24.12 10.06
CA GLY C 31 -2.97 24.57 10.42
C GLY C 31 -3.22 26.03 10.03
N ALA C 32 -2.24 26.90 10.30
CA ALA C 32 -2.33 28.36 10.06
C ALA C 32 -2.46 28.62 8.57
N ALA C 33 -1.61 28.00 7.74
CA ALA C 33 -1.61 28.20 6.27
C ALA C 33 -2.86 27.55 5.67
N VAL C 34 -3.29 26.41 6.21
CA VAL C 34 -4.57 25.75 5.83
C VAL C 34 -5.71 26.76 6.02
N ALA C 35 -5.89 27.24 7.26
CA ALA C 35 -6.91 28.24 7.67
C ALA C 35 -6.85 29.45 6.72
N VAL C 36 -5.68 30.08 6.56
CA VAL C 36 -5.49 31.22 5.64
C VAL C 36 -5.96 30.83 4.22
N HIS C 37 -5.66 29.61 3.75
CA HIS C 37 -5.96 29.20 2.37
C HIS C 37 -7.49 29.15 2.19
N LEU C 38 -8.19 28.53 3.14
CA LEU C 38 -9.67 28.38 3.08
C LEU C 38 -10.31 29.78 3.11
N GLY C 39 -9.73 30.70 3.90
CA GLY C 39 -10.08 32.12 3.95
C GLY C 39 -9.88 32.77 2.59
N LEU C 40 -8.67 32.65 2.03
CA LEU C 40 -8.33 33.09 0.65
C LEU C 40 -9.45 32.67 -0.32
N LEU C 41 -10.01 31.46 -0.13
CA LEU C 41 -10.94 30.77 -1.07
C LEU C 41 -12.39 31.14 -0.77
N GLY C 42 -12.62 32.02 0.22
CA GLY C 42 -13.94 32.63 0.47
C GLY C 42 -14.63 32.08 1.70
N ALA C 43 -14.13 30.98 2.28
CA ALA C 43 -14.70 30.37 3.49
C ALA C 43 -14.40 31.22 4.72
N LYS C 44 -15.39 31.37 5.61
CA LYS C 44 -15.23 31.88 7.00
C LYS C 44 -14.58 30.78 7.84
N VAL C 45 -13.70 31.13 8.78
CA VAL C 45 -12.77 30.14 9.40
C VAL C 45 -12.71 30.28 10.94
N VAL C 46 -12.99 29.19 11.62
CA VAL C 46 -12.77 29.02 13.09
C VAL C 46 -11.34 28.51 13.29
N VAL C 47 -10.49 29.39 13.85
CA VAL C 47 -9.07 29.09 14.10
C VAL C 47 -8.97 28.57 15.53
N ASN C 48 -9.02 27.25 15.72
CA ASN C 48 -8.76 26.65 17.05
C ASN C 48 -7.26 26.80 17.38
N TYR C 49 -6.94 26.87 18.67
CA TYR C 49 -5.59 26.77 19.28
C TYR C 49 -5.78 26.28 20.72
N ALA C 50 -4.71 25.83 21.38
CA ALA C 50 -4.70 25.36 22.78
C ALA C 50 -3.69 26.14 23.64
N ASN C 51 -2.67 26.72 23.02
CA ASN C 51 -1.58 27.38 23.77
C ASN C 51 -1.06 28.59 23.01
N SER C 52 -1.42 28.73 21.74
CA SER C 52 -0.88 29.84 20.90
C SER C 52 -1.97 30.86 20.53
N PRO C 53 -2.57 31.57 21.51
CA PRO C 53 -3.67 32.50 21.25
C PRO C 53 -3.34 33.78 20.48
N THR C 54 -2.10 34.25 20.57
CA THR C 54 -1.68 35.48 19.84
C THR C 54 -1.45 35.17 18.36
N HIS C 55 -0.77 34.07 18.05
CA HIS C 55 -0.62 33.68 16.61
C HIS C 55 -2.00 33.34 16.04
N ALA C 56 -2.85 32.66 16.81
CA ALA C 56 -4.24 32.37 16.39
C ALA C 56 -4.89 33.67 15.95
N GLN C 57 -4.68 34.78 16.68
CA GLN C 57 -5.27 36.11 16.38
C GLN C 57 -4.62 36.71 15.13
N LYS C 58 -3.29 36.60 14.97
CA LYS C 58 -2.61 37.12 13.75
C LYS C 58 -3.23 36.44 12.54
N VAL C 59 -3.49 35.13 12.61
CA VAL C 59 -4.08 34.32 11.50
C VAL C 59 -5.51 34.81 11.22
N VAL C 60 -6.30 35.07 12.27
CA VAL C 60 -7.68 35.61 12.14
C VAL C 60 -7.60 36.95 11.40
N ASP C 61 -6.65 37.81 11.80
CA ASP C 61 -6.52 39.18 11.27
C ASP C 61 -6.07 39.03 9.82
N GLU C 62 -5.17 38.11 9.53
CA GLU C 62 -4.69 37.88 8.15
C GLU C 62 -5.89 37.46 7.28
N ILE C 63 -6.77 36.58 7.77
CA ILE C 63 -7.95 36.07 7.01
C ILE C 63 -8.95 37.20 6.83
N LYS C 64 -9.24 37.96 7.90
CA LYS C 64 -10.11 39.15 7.90
C LYS C 64 -9.59 40.13 6.84
N GLN C 65 -8.27 40.29 6.79
CA GLN C 65 -7.54 41.27 5.92
C GLN C 65 -7.70 40.91 4.43
N LEU C 66 -7.74 39.63 4.07
CA LEU C 66 -7.91 39.26 2.63
C LEU C 66 -9.41 39.13 2.32
N GLY C 67 -10.28 39.70 3.17
CA GLY C 67 -11.70 39.96 2.84
C GLY C 67 -12.67 38.89 3.30
N SER C 68 -12.26 37.92 4.12
CA SER C 68 -13.18 36.94 4.75
C SER C 68 -13.39 37.33 6.23
N ASP C 69 -14.07 36.48 6.99
CA ASP C 69 -14.26 36.61 8.45
C ASP C 69 -13.71 35.34 9.12
N ALA C 70 -13.34 35.41 10.41
CA ALA C 70 -12.77 34.27 11.18
C ALA C 70 -12.84 34.52 12.70
N ILE C 71 -12.65 33.49 13.55
CA ILE C 71 -12.55 33.62 15.03
C ILE C 71 -11.55 32.62 15.58
N ALA C 72 -11.01 32.95 16.76
CA ALA C 72 -10.06 32.11 17.52
C ALA C 72 -10.78 31.56 18.74
N ILE C 73 -10.90 30.25 18.80
CA ILE C 73 -11.56 29.55 19.94
C ILE C 73 -10.52 28.69 20.61
N LYS C 74 -10.26 28.93 21.88
CA LYS C 74 -9.36 28.05 22.68
C LYS C 74 -10.08 26.72 22.91
N ALA C 75 -9.34 25.62 22.74
CA ALA C 75 -9.86 24.26 23.02
C ALA C 75 -8.72 23.22 22.94
N ASP C 76 -8.60 22.35 23.95
CA ASP C 76 -7.60 21.25 23.98
C ASP C 76 -8.24 20.01 23.36
N VAL C 77 -7.76 19.59 22.18
CA VAL C 77 -8.36 18.46 21.41
C VAL C 77 -8.01 17.16 22.12
N ARG C 78 -7.40 17.24 23.30
CA ARG C 78 -7.13 16.04 24.12
C ARG C 78 -8.35 15.86 25.01
N GLN C 79 -9.01 16.94 25.36
CA GLN C 79 -10.25 16.90 26.18
C GLN C 79 -11.46 16.84 25.24
N VAL C 80 -12.25 15.76 25.30
CA VAL C 80 -13.37 15.57 24.34
C VAL C 80 -14.47 16.63 24.60
N PRO C 81 -14.88 16.92 25.86
CA PRO C 81 -15.85 17.99 26.13
C PRO C 81 -15.37 19.35 25.59
N GLU C 82 -14.06 19.63 25.60
CA GLU C 82 -13.51 20.84 24.94
C GLU C 82 -13.68 20.72 23.42
N ILE C 83 -13.75 19.51 22.86
CA ILE C 83 -13.98 19.33 21.39
C ILE C 83 -15.46 19.60 21.07
N VAL C 84 -16.38 19.04 21.86
CA VAL C 84 -17.85 19.29 21.73
C VAL C 84 -18.06 20.80 21.87
N ARG C 85 -17.48 21.42 22.89
CA ARG C 85 -17.62 22.87 23.17
C ARG C 85 -17.05 23.68 21.98
N LEU C 86 -15.92 23.23 21.43
CA LEU C 86 -15.30 23.87 20.24
C LEU C 86 -16.29 23.89 19.09
N PHE C 87 -16.86 22.74 18.73
CA PHE C 87 -17.77 22.58 17.56
C PHE C 87 -19.12 23.28 17.78
N ASP C 88 -19.63 23.24 19.01
CA ASP C 88 -20.84 24.02 19.44
C ASP C 88 -20.59 25.51 19.19
N GLU C 89 -19.60 26.08 19.88
CA GLU C 89 -19.30 27.53 19.77
C GLU C 89 -19.20 27.93 18.28
N ALA C 90 -18.51 27.14 17.46
CA ALA C 90 -18.24 27.42 16.02
C ALA C 90 -19.57 27.57 15.26
N VAL C 91 -20.52 26.69 15.51
CA VAL C 91 -21.87 26.77 14.86
C VAL C 91 -22.64 27.93 15.51
N ALA C 92 -22.59 28.07 16.84
CA ALA C 92 -23.20 29.21 17.54
C ALA C 92 -22.71 30.51 16.87
N HIS C 93 -21.41 30.67 16.68
CA HIS C 93 -20.81 31.95 16.20
C HIS C 93 -21.13 32.20 14.71
N PHE C 94 -21.03 31.22 13.81
CA PHE C 94 -21.18 31.43 12.33
C PHE C 94 -22.51 30.91 11.77
N GLY C 95 -23.29 30.14 12.54
CA GLY C 95 -24.63 29.67 12.16
C GLY C 95 -24.63 28.24 11.68
N GLN C 96 -23.48 27.76 11.16
CA GLN C 96 -23.32 26.45 10.45
C GLN C 96 -21.82 26.09 10.39
N LEU C 97 -21.52 24.89 9.89
CA LEU C 97 -20.14 24.38 9.60
C LEU C 97 -20.22 23.37 8.44
N ASP C 98 -19.44 23.62 7.38
CA ASP C 98 -19.36 22.79 6.14
C ASP C 98 -18.12 21.91 6.18
N ILE C 99 -17.01 22.46 6.67
CA ILE C 99 -15.64 21.91 6.55
C ILE C 99 -15.03 21.81 7.96
N ALA C 100 -14.39 20.67 8.24
CA ALA C 100 -13.70 20.39 9.52
C ALA C 100 -12.32 19.79 9.22
N VAL C 101 -11.23 20.50 9.53
CA VAL C 101 -9.81 20.06 9.34
C VAL C 101 -9.19 19.72 10.70
N SER C 102 -8.96 18.43 10.95
CA SER C 102 -8.23 17.89 12.12
C SER C 102 -6.72 17.98 11.82
N ASN C 103 -6.03 18.99 12.39
CA ASN C 103 -4.61 19.30 12.06
C ASN C 103 -3.68 19.14 13.27
N SER C 104 -4.20 19.38 14.47
CA SER C 104 -3.42 19.32 15.73
C SER C 104 -2.72 17.96 15.92
N GLY C 105 -1.42 17.98 16.14
CA GLY C 105 -0.63 16.81 16.60
C GLY C 105 0.74 17.22 17.12
N VAL C 106 1.44 16.27 17.79
CA VAL C 106 2.82 16.39 18.32
C VAL C 106 3.72 15.30 17.74
N VAL C 107 5.03 15.50 17.79
CA VAL C 107 6.07 14.52 17.34
C VAL C 107 6.80 13.95 18.57
N SER C 108 7.19 12.67 18.45
CA SER C 108 7.96 11.98 19.50
C SER C 108 9.08 11.16 18.86
N PHE C 109 10.29 11.25 19.42
CA PHE C 109 11.45 10.45 18.96
C PHE C 109 11.92 9.55 20.11
N GLY C 110 12.18 8.29 19.80
CA GLY C 110 12.62 7.35 20.83
C GLY C 110 12.54 5.87 20.45
N HIS C 111 13.53 5.09 20.85
CA HIS C 111 13.51 3.62 20.64
C HIS C 111 12.43 2.99 21.53
N LEU C 112 11.63 2.08 20.97
CA LEU C 112 10.63 1.32 21.74
C LEU C 112 11.09 1.14 23.19
N LYS C 113 12.31 0.68 23.40
CA LYS C 113 12.84 0.38 24.75
C LYS C 113 12.68 1.55 25.72
N ASP C 114 12.67 2.78 25.22
CA ASP C 114 12.69 3.96 26.11
C ASP C 114 11.33 4.65 26.08
N VAL C 115 10.34 4.06 25.39
CA VAL C 115 9.01 4.74 25.29
C VAL C 115 8.25 4.47 26.59
N THR C 116 7.70 5.52 27.20
CA THR C 116 7.03 5.47 28.52
C THR C 116 5.51 5.51 28.31
N GLU C 117 4.75 5.08 29.31
CA GLU C 117 3.26 5.18 29.37
C GLU C 117 2.87 6.65 29.18
N GLU C 118 3.52 7.54 29.92
CA GLU C 118 3.24 9.00 30.01
C GLU C 118 3.43 9.58 28.60
N GLU C 119 4.51 9.16 27.91
CA GLU C 119 4.86 9.60 26.53
C GLU C 119 3.88 9.02 25.52
N PHE C 120 3.74 7.69 25.46
CA PHE C 120 2.72 7.02 24.60
C PHE C 120 1.40 7.80 24.71
N ASP C 121 0.92 8.05 25.94
CA ASP C 121 -0.39 8.69 26.16
C ASP C 121 -0.35 10.14 25.70
N ARG C 122 0.71 10.88 26.03
CA ARG C 122 0.91 12.27 25.53
C ARG C 122 0.59 12.26 24.02
N VAL C 123 1.19 11.33 23.27
CA VAL C 123 1.16 11.41 21.79
C VAL C 123 -0.20 10.95 21.27
N PHE C 124 -0.67 9.76 21.71
CA PHE C 124 -1.91 9.12 21.17
C PHE C 124 -3.16 9.94 21.52
N SER C 125 -3.19 10.60 22.67
CA SER C 125 -4.36 11.37 23.17
C SER C 125 -4.67 12.56 22.26
N LEU C 126 -3.66 13.23 21.67
CA LEU C 126 -3.89 14.35 20.69
C LEU C 126 -3.91 13.82 19.24
N ASN C 127 -2.91 13.03 18.88
CA ASN C 127 -2.63 12.61 17.48
C ASN C 127 -3.73 11.67 16.97
N THR C 128 -4.36 10.89 17.86
CA THR C 128 -5.23 9.73 17.47
C THR C 128 -6.66 9.88 18.04
N ARG C 129 -6.82 9.59 19.33
CA ARG C 129 -8.05 9.81 20.13
C ARG C 129 -8.62 11.20 19.79
N GLY C 130 -7.83 12.25 19.99
CA GLY C 130 -8.23 13.64 19.67
C GLY C 130 -8.83 13.73 18.27
N GLN C 131 -8.02 13.38 17.25
CA GLN C 131 -8.44 13.46 15.82
C GLN C 131 -9.75 12.65 15.66
N PHE C 132 -9.79 11.47 16.25
CA PHE C 132 -11.00 10.60 16.16
C PHE C 132 -12.24 11.42 16.56
N PHE C 133 -12.15 12.22 17.62
CA PHE C 133 -13.35 12.79 18.30
C PHE C 133 -13.70 14.13 17.67
N VAL C 134 -12.69 14.86 17.20
CA VAL C 134 -12.86 16.00 16.25
C VAL C 134 -13.73 15.53 15.08
N ALA C 135 -13.42 14.34 14.54
CA ALA C 135 -14.14 13.71 13.41
C ALA C 135 -15.55 13.30 13.88
N ARG C 136 -15.71 12.86 15.12
CA ARG C 136 -17.04 12.47 15.67
C ARG C 136 -17.96 13.70 15.76
N GLU C 137 -17.49 14.76 16.44
CA GLU C 137 -18.26 16.02 16.62
C GLU C 137 -18.43 16.74 15.26
N ALA C 138 -17.48 16.61 14.35
CA ALA C 138 -17.60 17.17 12.98
C ALA C 138 -18.82 16.53 12.30
N TYR C 139 -18.87 15.19 12.22
CA TYR C 139 -20.03 14.45 11.68
C TYR C 139 -21.32 15.04 12.26
N LYS C 140 -21.38 15.22 13.59
CA LYS C 140 -22.61 15.61 14.32
C LYS C 140 -23.02 17.07 13.98
N HIS C 141 -22.04 17.96 13.76
CA HIS C 141 -22.28 19.43 13.69
C HIS C 141 -22.36 19.88 12.24
N LEU C 142 -21.87 19.08 11.31
CA LEU C 142 -21.58 19.46 9.90
C LEU C 142 -22.84 19.44 9.03
N ASN C 143 -22.95 20.35 8.05
CA ASN C 143 -23.95 20.31 6.95
C ASN C 143 -23.73 19.04 6.12
N ASN C 144 -24.82 18.44 5.63
CA ASN C 144 -24.76 17.42 4.54
C ASN C 144 -23.98 18.02 3.36
N GLY C 145 -23.25 17.19 2.61
CA GLY C 145 -22.35 17.71 1.56
C GLY C 145 -21.06 18.30 2.13
N GLY C 146 -20.84 18.16 3.44
CA GLY C 146 -19.70 18.80 4.13
C GLY C 146 -18.40 18.06 3.88
N ARG C 147 -17.35 18.39 4.63
CA ARG C 147 -15.97 17.89 4.39
C ARG C 147 -15.30 17.62 5.74
N ILE C 148 -14.69 16.45 5.90
CA ILE C 148 -13.75 16.13 7.02
C ILE C 148 -12.40 15.74 6.42
N ILE C 149 -11.36 16.39 6.91
CA ILE C 149 -9.93 16.10 6.61
C ILE C 149 -9.25 15.78 7.95
N MET C 150 -8.39 14.79 7.94
CA MET C 150 -7.56 14.47 9.11
C MET C 150 -6.11 14.54 8.61
N THR C 151 -5.16 14.68 9.52
CA THR C 151 -3.74 14.83 9.13
C THR C 151 -2.97 13.60 9.57
N SER C 152 -2.30 12.93 8.63
CA SER C 152 -1.41 11.78 8.96
C SER C 152 0.06 12.16 8.79
N SER C 153 0.85 11.26 8.24
CA SER C 153 2.29 11.46 8.01
C SER C 153 2.74 10.42 6.99
N ASN C 154 3.74 10.75 6.18
CA ASN C 154 4.27 9.80 5.17
C ASN C 154 5.09 8.72 5.87
N THR C 155 5.32 8.88 7.16
CA THR C 155 6.04 7.86 7.97
C THR C 155 5.08 6.81 8.54
N SER C 156 3.82 6.86 8.11
CA SER C 156 2.70 5.98 8.53
C SER C 156 2.70 4.70 7.70
N ARG C 157 2.96 4.78 6.38
CA ARG C 157 3.15 3.61 5.47
C ARG C 157 4.39 3.83 4.59
N ASP C 158 4.56 5.02 4.02
CA ASP C 158 5.60 5.29 2.98
C ASP C 158 7.00 5.07 3.59
N PHE C 159 7.45 5.87 4.55
CA PHE C 159 8.87 5.86 5.02
C PHE C 159 8.97 5.32 6.46
N SER C 160 9.86 4.34 6.62
CA SER C 160 10.21 3.67 7.90
C SER C 160 11.47 4.32 8.47
N VAL C 161 11.33 5.21 9.45
CA VAL C 161 12.49 5.91 10.07
C VAL C 161 12.69 5.31 11.46
N PRO C 162 13.92 4.90 11.81
CA PRO C 162 14.19 4.45 13.17
C PRO C 162 13.75 5.44 14.26
N LYS C 163 13.41 4.90 15.43
CA LYS C 163 13.17 5.61 16.71
C LYS C 163 11.92 6.51 16.57
N PHE C 164 10.96 6.10 15.73
CA PHE C 164 9.81 6.92 15.25
C PHE C 164 8.52 6.08 15.27
N SER C 165 8.51 5.04 16.09
CA SER C 165 7.40 4.07 16.23
C SER C 165 6.14 4.80 16.72
N LEU C 166 6.26 5.48 17.86
CA LEU C 166 5.10 6.06 18.57
C LEU C 166 4.39 7.08 17.65
N TYR C 167 5.12 8.03 17.05
CA TYR C 167 4.55 9.06 16.15
C TYR C 167 3.86 8.37 14.96
N SER C 168 4.61 7.51 14.25
CA SER C 168 4.18 6.82 13.00
C SER C 168 2.89 6.04 13.26
N GLY C 169 2.84 5.26 14.35
CA GLY C 169 1.64 4.50 14.74
C GLY C 169 0.47 5.41 15.04
N SER C 170 0.69 6.51 15.76
CA SER C 170 -0.39 7.48 16.12
C SER C 170 -1.14 7.87 14.85
N LYS C 171 -0.41 7.95 13.73
CA LYS C 171 -0.90 8.41 12.41
C LYS C 171 -1.43 7.25 11.54
N GLY C 172 -0.84 6.05 11.59
CA GLY C 172 -1.35 4.90 10.83
C GLY C 172 -2.81 4.59 11.18
N ALA C 173 -3.18 4.76 12.46
CA ALA C 173 -4.58 4.69 12.94
C ALA C 173 -5.40 5.72 12.15
N ILE C 174 -4.89 6.95 12.03
CA ILE C 174 -5.58 8.04 11.29
C ILE C 174 -5.98 7.51 9.91
N ASP C 175 -5.06 6.86 9.17
CA ASP C 175 -5.31 6.35 7.79
C ASP C 175 -6.48 5.35 7.81
N SER C 176 -6.40 4.33 8.67
CA SER C 176 -7.46 3.29 8.76
C SER C 176 -8.80 4.01 8.95
N PHE C 177 -8.86 4.89 9.96
CA PHE C 177 -10.05 5.71 10.30
C PHE C 177 -10.71 6.37 9.08
N VAL C 178 -9.95 7.01 8.18
CA VAL C 178 -10.60 7.87 7.13
C VAL C 178 -11.25 6.97 6.09
N ARG C 179 -10.76 5.73 5.94
CA ARG C 179 -11.29 4.76 4.95
C ARG C 179 -12.71 4.35 5.39
N ILE C 180 -12.87 3.97 6.66
CA ILE C 180 -14.17 3.56 7.27
C ILE C 180 -15.05 4.80 7.56
N PHE C 181 -14.48 5.92 8.03
CA PHE C 181 -15.21 7.19 8.30
C PHE C 181 -15.96 7.63 7.05
N SER C 182 -15.35 7.46 5.87
CA SER C 182 -15.96 7.79 4.55
C SER C 182 -17.29 7.03 4.39
N LYS C 183 -17.34 5.75 4.78
CA LYS C 183 -18.55 4.89 4.72
C LYS C 183 -19.62 5.39 5.72
N ASP C 184 -19.31 5.41 7.02
CA ASP C 184 -20.19 5.95 8.10
C ASP C 184 -20.71 7.34 7.68
N CYS C 185 -19.83 8.29 7.34
CA CYS C 185 -20.18 9.72 7.10
C CYS C 185 -20.92 9.91 5.76
N GLY C 186 -20.99 8.87 4.94
CA GLY C 186 -21.67 8.91 3.63
C GLY C 186 -23.14 9.24 3.78
N ASP C 187 -23.74 8.89 4.92
CA ASP C 187 -25.20 8.98 5.11
C ASP C 187 -25.61 10.45 5.25
N LYS C 188 -24.63 11.38 5.36
CA LYS C 188 -24.84 12.85 5.25
C LYS C 188 -24.10 13.39 4.01
N LYS C 189 -23.78 12.51 3.06
CA LYS C 189 -23.04 12.90 1.83
C LYS C 189 -21.86 13.81 2.20
N ILE C 190 -21.15 13.46 3.28
CA ILE C 190 -19.89 14.06 3.75
C ILE C 190 -18.70 13.21 3.29
N THR C 191 -17.69 13.84 2.68
CA THR C 191 -16.40 13.16 2.34
C THR C 191 -15.42 13.31 3.51
N VAL C 192 -14.80 12.18 3.88
CA VAL C 192 -13.63 12.12 4.80
C VAL C 192 -12.42 11.67 4.00
N ASN C 193 -11.38 12.50 3.92
CA ASN C 193 -10.00 12.16 3.46
C ASN C 193 -8.99 12.48 4.57
N ALA C 194 -7.73 12.11 4.36
CA ALA C 194 -6.56 12.60 5.13
C ALA C 194 -5.49 13.14 4.18
N VAL C 195 -4.65 14.03 4.71
CA VAL C 195 -3.39 14.45 4.03
C VAL C 195 -2.24 13.92 4.89
N ALA C 196 -1.25 13.31 4.26
CA ALA C 196 -0.02 12.84 4.91
C ALA C 196 1.13 13.79 4.56
N PRO C 197 1.39 14.79 5.39
CA PRO C 197 2.49 15.64 5.03
C PRO C 197 3.83 14.93 5.19
N GLY C 198 4.88 15.46 4.54
CA GLY C 198 6.22 14.87 4.67
C GLY C 198 7.30 15.93 4.54
N GLY C 199 7.93 16.30 5.66
CA GLY C 199 9.00 17.33 5.64
C GLY C 199 8.44 18.71 5.33
N THR C 200 7.59 19.24 6.21
CA THR C 200 7.00 20.59 6.01
C THR C 200 7.68 21.58 6.96
N VAL C 201 8.32 22.62 6.43
CA VAL C 201 9.08 23.52 7.34
C VAL C 201 8.20 24.15 8.38
N THR C 202 8.27 23.61 9.57
CA THR C 202 7.65 24.14 10.81
C THR C 202 8.55 23.83 12.02
N ASP C 203 8.13 24.23 13.22
CA ASP C 203 8.86 23.88 14.46
C ASP C 203 8.85 22.38 14.65
N MET C 204 7.81 21.66 14.19
CA MET C 204 7.77 20.19 14.34
C MET C 204 8.92 19.61 13.50
N PHE C 205 9.10 20.07 12.26
CA PHE C 205 10.14 19.62 11.30
C PHE C 205 11.56 19.95 11.82
N HIS C 206 11.76 21.16 12.35
CA HIS C 206 13.07 21.60 12.89
C HIS C 206 13.47 20.69 14.08
N ASP C 207 12.52 20.38 14.99
CA ASP C 207 12.77 19.47 16.15
C ASP C 207 12.97 18.02 15.70
N VAL C 208 12.67 17.70 14.46
CA VAL C 208 12.78 16.30 13.95
C VAL C 208 14.07 16.19 13.13
N SER C 209 14.42 17.23 12.37
CA SER C 209 15.68 17.27 11.58
C SER C 209 16.85 17.15 12.55
N GLN C 210 16.65 17.64 13.77
CA GLN C 210 17.70 17.54 14.80
C GLN C 210 18.13 16.10 14.95
N HIS C 211 17.17 15.18 15.06
CA HIS C 211 17.50 13.77 15.34
C HIS C 211 17.84 12.98 14.08
N TYR C 212 17.07 13.12 13.01
CA TYR C 212 17.27 12.27 11.80
C TYR C 212 18.39 12.78 10.91
N ILE C 213 19.35 13.51 11.48
CA ILE C 213 20.44 14.10 10.64
C ILE C 213 21.78 13.60 11.20
N PRO C 214 22.76 13.27 10.34
CA PRO C 214 24.05 12.75 10.77
C PRO C 214 24.47 13.22 12.17
N ASN C 215 24.55 14.53 12.45
CA ASN C 215 24.96 14.88 13.82
C ASN C 215 23.92 15.81 14.47
N GLY C 216 23.18 16.57 13.67
CA GLY C 216 22.04 17.37 14.20
C GLY C 216 22.39 18.67 14.85
N GLU C 217 22.42 18.73 16.19
CA GLU C 217 22.62 20.02 16.90
C GLU C 217 23.92 20.70 16.49
N THR C 218 24.81 19.98 15.85
CA THR C 218 26.06 20.57 15.35
C THR C 218 25.68 21.62 14.29
N TYR C 219 24.48 21.51 13.73
CA TYR C 219 24.06 22.40 12.61
C TYR C 219 22.86 23.27 12.95
N THR C 220 22.86 24.50 12.46
CA THR C 220 21.70 25.40 12.61
C THR C 220 20.48 24.68 12.04
N PRO C 221 19.24 25.07 12.41
CA PRO C 221 18.05 24.54 11.76
C PRO C 221 17.94 24.85 10.26
N GLU C 222 18.39 26.04 9.81
CA GLU C 222 18.49 26.40 8.36
C GLU C 222 19.42 25.40 7.67
N GLU C 223 20.60 25.16 8.21
CA GLU C 223 21.57 24.18 7.65
C GLU C 223 20.88 22.84 7.38
N ARG C 224 20.25 22.26 8.40
CA ARG C 224 19.55 20.95 8.28
C ARG C 224 18.48 21.06 7.20
N GLN C 225 17.70 22.15 7.22
CA GLN C 225 16.67 22.46 6.19
C GLN C 225 17.30 22.33 4.79
N LYS C 226 18.31 23.17 4.51
CA LYS C 226 19.06 23.22 3.22
C LYS C 226 19.47 21.80 2.82
N MET C 227 19.82 20.94 3.78
CA MET C 227 20.27 19.54 3.51
C MET C 227 19.07 18.68 3.07
N ALA C 228 17.89 18.85 3.69
CA ALA C 228 16.67 18.07 3.40
C ALA C 228 16.18 18.38 1.99
N ALA C 229 16.42 19.61 1.51
CA ALA C 229 16.03 20.11 0.17
C ALA C 229 16.52 19.15 -0.93
N HIS C 230 17.75 18.61 -0.82
CA HIS C 230 18.31 17.65 -1.81
C HIS C 230 17.42 16.41 -1.92
N ALA C 231 16.82 15.95 -0.81
CA ALA C 231 15.99 14.71 -0.68
C ALA C 231 14.87 14.66 -1.74
N SER C 232 14.40 15.82 -2.21
CA SER C 232 13.22 16.00 -3.11
C SER C 232 13.65 16.04 -4.56
N PRO C 233 12.91 15.39 -5.49
CA PRO C 233 13.20 15.53 -6.92
C PRO C 233 13.07 16.98 -7.39
N LEU C 234 12.27 17.78 -6.68
CA LEU C 234 12.02 19.22 -7.01
C LEU C 234 13.07 20.11 -6.30
N HIS C 235 14.11 19.51 -5.74
N HIS C 235 14.07 19.47 -5.69
CA HIS C 235 15.16 20.19 -4.93
CA HIS C 235 15.16 20.16 -4.95
C HIS C 235 14.55 21.42 -4.25
C HIS C 235 14.58 21.40 -4.25
N ARG C 236 13.61 21.20 -3.34
CA ARG C 236 13.14 22.21 -2.34
C ARG C 236 12.46 21.53 -1.14
N ASN C 237 12.31 22.24 -0.02
CA ASN C 237 11.57 21.73 1.16
C ASN C 237 10.06 21.89 0.92
N GLY C 238 9.26 21.10 1.63
CA GLY C 238 7.81 21.31 1.75
C GLY C 238 7.53 22.49 2.65
N PHE C 239 6.54 23.32 2.29
CA PHE C 239 6.03 24.45 3.11
C PHE C 239 4.55 24.21 3.38
N PRO C 240 4.02 24.73 4.50
CA PRO C 240 2.61 24.50 4.87
C PRO C 240 1.62 24.84 3.75
N GLU C 241 1.89 25.92 3.01
CA GLU C 241 1.15 26.39 1.81
C GLU C 241 0.96 25.23 0.81
N ASP C 242 1.94 24.33 0.70
CA ASP C 242 1.91 23.15 -0.22
C ASP C 242 0.80 22.17 0.19
N ILE C 243 0.56 22.05 1.49
CA ILE C 243 -0.45 21.14 2.07
C ILE C 243 -1.81 21.83 2.09
N ALA C 244 -1.84 23.06 2.56
CA ALA C 244 -3.03 23.94 2.52
C ALA C 244 -3.68 23.91 1.12
N ARG C 245 -2.89 23.74 0.05
CA ARG C 245 -3.40 23.80 -1.34
C ARG C 245 -4.22 22.54 -1.66
N VAL C 246 -3.69 21.38 -1.29
CA VAL C 246 -4.30 20.04 -1.49
C VAL C 246 -5.57 20.02 -0.68
N VAL C 247 -5.49 20.45 0.59
CA VAL C 247 -6.63 20.51 1.56
C VAL C 247 -7.76 21.31 0.93
N GLY C 248 -7.44 22.50 0.43
CA GLY C 248 -8.41 23.40 -0.24
C GLY C 248 -9.15 22.72 -1.40
N PHE C 249 -8.47 21.88 -2.18
CA PHE C 249 -9.10 21.10 -3.27
C PHE C 249 -10.09 20.12 -2.64
N LEU C 250 -9.58 19.32 -1.71
CA LEU C 250 -10.36 18.25 -1.04
C LEU C 250 -11.66 18.82 -0.48
N VAL C 251 -11.60 19.97 0.21
CA VAL C 251 -12.81 20.53 0.91
C VAL C 251 -13.67 21.34 -0.06
N SER C 252 -13.20 21.57 -1.30
CA SER C 252 -14.04 22.13 -2.39
C SER C 252 -15.07 21.09 -2.86
N ALA C 253 -16.17 21.59 -3.45
CA ALA C 253 -17.21 20.85 -4.19
C ALA C 253 -16.55 19.93 -5.24
N GLU C 254 -15.58 20.47 -5.99
CA GLU C 254 -14.88 19.74 -7.06
C GLU C 254 -14.05 18.57 -6.51
N GLY C 255 -13.64 18.59 -5.22
CA GLY C 255 -12.79 17.52 -4.63
C GLY C 255 -13.58 16.28 -4.22
N GLU C 256 -14.88 16.29 -4.50
CA GLU C 256 -15.88 15.36 -3.91
C GLU C 256 -15.49 13.92 -4.18
N TRP C 257 -15.05 13.58 -5.40
CA TRP C 257 -14.87 12.18 -5.82
C TRP C 257 -13.57 11.60 -5.28
N ILE C 258 -12.74 12.44 -4.65
CA ILE C 258 -11.75 11.93 -3.67
C ILE C 258 -12.51 11.88 -2.34
N ASN C 259 -12.68 10.67 -1.84
CA ASN C 259 -13.46 10.35 -0.61
C ASN C 259 -12.90 9.02 -0.07
N GLY C 260 -12.29 9.02 1.11
CA GLY C 260 -11.85 7.79 1.82
C GLY C 260 -10.37 7.52 1.65
N LYS C 261 -9.66 8.42 0.97
CA LYS C 261 -8.22 8.25 0.65
C LYS C 261 -7.36 9.06 1.62
N VAL C 262 -6.11 8.65 1.80
CA VAL C 262 -5.01 9.47 2.39
C VAL C 262 -4.19 10.03 1.21
N LEU C 263 -4.07 11.34 1.07
CA LEU C 263 -3.14 11.90 0.06
C LEU C 263 -1.82 12.20 0.75
N THR C 264 -0.68 11.77 0.15
CA THR C 264 0.68 12.04 0.67
C THR C 264 1.30 13.23 -0.06
N VAL C 265 1.42 14.37 0.63
CA VAL C 265 1.96 15.62 0.03
C VAL C 265 3.37 15.83 0.59
N ASP C 266 4.34 15.17 -0.06
CA ASP C 266 5.75 15.12 0.37
C ASP C 266 6.69 15.62 -0.73
N GLY C 267 6.18 15.90 -1.93
CA GLY C 267 6.98 16.41 -3.06
C GLY C 267 7.62 15.30 -3.86
N GLY C 268 7.27 14.05 -3.58
CA GLY C 268 7.94 12.92 -4.24
C GLY C 268 9.25 12.69 -3.54
N ALA C 269 9.31 13.09 -2.29
CA ALA C 269 10.59 13.06 -1.57
C ALA C 269 10.89 11.76 -0.83
N ALA C 270 12.15 11.53 -0.53
CA ALA C 270 12.60 10.37 0.26
C ALA C 270 13.22 10.86 1.58
N LEU D 10 15.86 -37.16 6.16
CA LEU D 10 14.63 -36.37 5.88
C LEU D 10 14.74 -35.04 6.63
N HIS D 11 14.79 -33.92 5.92
CA HIS D 11 14.93 -32.55 6.49
C HIS D 11 13.59 -32.04 7.02
N ILE D 12 13.56 -31.56 8.29
CA ILE D 12 12.33 -31.05 8.97
C ILE D 12 12.40 -29.52 9.10
N PRO D 13 11.68 -28.75 8.24
CA PRO D 13 11.74 -27.29 8.29
C PRO D 13 10.98 -26.60 9.44
N GLY D 14 11.50 -25.45 9.85
CA GLY D 14 10.80 -24.47 10.71
C GLY D 14 10.71 -24.92 12.16
N ARG D 15 11.62 -25.78 12.63
CA ARG D 15 11.50 -26.40 13.99
C ARG D 15 12.08 -25.46 15.04
N LEU D 16 11.52 -25.44 16.26
CA LEU D 16 11.79 -24.42 17.31
C LEU D 16 12.32 -25.04 18.62
N ASP D 17 13.01 -26.18 18.55
CA ASP D 17 13.57 -26.92 19.70
C ASP D 17 14.59 -26.04 20.46
N GLY D 18 14.52 -26.00 21.80
CA GLY D 18 15.41 -25.21 22.67
C GLY D 18 15.01 -23.74 22.77
N LYS D 19 14.02 -23.33 21.97
CA LYS D 19 13.44 -21.96 21.95
C LYS D 19 12.28 -21.88 22.94
N VAL D 20 12.05 -20.70 23.51
CA VAL D 20 10.88 -20.40 24.38
C VAL D 20 10.03 -19.30 23.71
N ALA D 21 8.72 -19.56 23.59
CA ALA D 21 7.70 -18.64 23.03
C ALA D 21 6.76 -18.19 24.15
N LEU D 22 6.24 -16.97 24.04
CA LEU D 22 5.18 -16.39 24.92
C LEU D 22 4.08 -15.92 23.95
N VAL D 23 2.81 -16.14 24.28
CA VAL D 23 1.69 -15.77 23.38
C VAL D 23 0.57 -15.17 24.24
N THR D 24 0.43 -13.85 24.18
CA THR D 24 -0.65 -13.16 24.92
C THR D 24 -1.98 -13.70 24.39
N GLY D 25 -2.96 -13.91 25.27
CA GLY D 25 -4.29 -14.40 24.88
C GLY D 25 -4.23 -15.76 24.24
N SER D 26 -3.55 -16.71 24.87
CA SER D 26 -3.31 -18.02 24.23
C SER D 26 -4.19 -19.14 24.77
N GLY D 27 -5.20 -18.83 25.59
CA GLY D 27 -6.12 -19.86 26.08
C GLY D 27 -7.31 -20.03 25.17
N ARG D 28 -7.62 -19.01 24.37
CA ARG D 28 -8.80 -19.05 23.50
C ARG D 28 -8.43 -18.54 22.11
N GLY D 29 -9.11 -19.02 21.06
CA GLY D 29 -8.97 -18.49 19.68
C GLY D 29 -7.68 -18.70 18.92
N ILE D 30 -7.30 -17.68 18.15
CA ILE D 30 -6.09 -17.73 17.29
C ILE D 30 -4.88 -17.93 18.18
N GLY D 31 -4.83 -17.21 19.30
CA GLY D 31 -3.72 -17.35 20.26
C GLY D 31 -3.50 -18.78 20.68
N ALA D 32 -4.54 -19.53 20.98
CA ALA D 32 -4.37 -20.90 21.49
C ALA D 32 -3.78 -21.78 20.39
N ALA D 33 -4.14 -21.47 19.15
CA ALA D 33 -3.65 -22.26 18.02
C ALA D 33 -2.17 -21.96 17.80
N VAL D 34 -1.77 -20.73 18.06
CA VAL D 34 -0.36 -20.30 17.84
C VAL D 34 0.48 -20.94 18.93
N ALA D 35 0.07 -20.76 20.18
CA ALA D 35 0.77 -21.43 21.30
C ALA D 35 0.99 -22.90 20.95
N VAL D 36 -0.08 -23.61 20.62
CA VAL D 36 0.02 -25.07 20.31
C VAL D 36 0.90 -25.27 19.08
N HIS D 37 0.66 -24.52 18.01
CA HIS D 37 1.45 -24.69 16.76
C HIS D 37 2.94 -24.57 17.08
N LEU D 38 3.36 -23.51 17.79
CA LEU D 38 4.77 -23.34 18.25
C LEU D 38 5.13 -24.52 19.14
N GLY D 39 4.19 -25.04 19.93
CA GLY D 39 4.42 -26.20 20.80
C GLY D 39 4.70 -27.47 19.99
N LEU D 40 3.87 -27.72 18.97
CA LEU D 40 4.08 -28.78 17.96
C LEU D 40 5.45 -28.62 17.29
N LEU D 41 5.88 -27.41 16.94
CA LEU D 41 7.16 -27.22 16.22
C LEU D 41 8.32 -27.21 17.22
N GLY D 42 8.06 -27.50 18.49
CA GLY D 42 9.08 -27.84 19.51
C GLY D 42 9.49 -26.68 20.40
N ALA D 43 8.61 -25.70 20.58
CA ALA D 43 8.83 -24.54 21.47
C ALA D 43 8.19 -24.83 22.82
N LYS D 44 8.90 -24.53 23.90
CA LYS D 44 8.30 -24.39 25.26
C LYS D 44 7.47 -23.11 25.21
N VAL D 45 6.29 -23.09 25.83
CA VAL D 45 5.30 -21.99 25.61
C VAL D 45 4.79 -21.46 26.94
N VAL D 46 4.92 -20.15 27.16
CA VAL D 46 4.12 -19.39 28.16
C VAL D 46 2.79 -19.03 27.49
N VAL D 47 1.71 -19.58 28.07
CA VAL D 47 0.29 -19.33 27.69
C VAL D 47 -0.27 -18.22 28.57
N ASN D 48 -0.35 -16.99 28.08
CA ASN D 48 -0.99 -15.86 28.81
C ASN D 48 -2.51 -15.96 28.68
N TYR D 49 -3.22 -15.70 29.77
CA TYR D 49 -4.69 -15.49 29.82
C TYR D 49 -4.96 -14.33 30.78
N ALA D 50 -6.16 -13.75 30.71
CA ALA D 50 -6.67 -12.73 31.65
C ALA D 50 -7.90 -13.25 32.41
N ASN D 51 -8.81 -13.94 31.73
CA ASN D 51 -10.17 -14.29 32.26
C ASN D 51 -10.49 -15.76 32.03
N SER D 52 -9.66 -16.50 31.30
CA SER D 52 -9.95 -17.89 30.85
C SER D 52 -8.92 -18.86 31.41
N PRO D 53 -8.84 -19.05 32.74
CA PRO D 53 -7.85 -19.96 33.34
C PRO D 53 -8.16 -21.40 32.95
N THR D 54 -9.44 -21.77 32.93
CA THR D 54 -9.96 -23.09 32.48
C THR D 54 -9.32 -23.39 31.13
N HIS D 55 -9.54 -22.50 30.17
CA HIS D 55 -9.19 -22.69 28.75
C HIS D 55 -7.67 -22.75 28.62
N ALA D 56 -6.98 -21.84 29.28
CA ALA D 56 -5.50 -21.74 29.31
C ALA D 56 -4.91 -23.07 29.78
N GLN D 57 -5.49 -23.69 30.81
CA GLN D 57 -4.99 -24.99 31.32
C GLN D 57 -5.15 -26.04 30.21
N LYS D 58 -6.32 -26.10 29.56
CA LYS D 58 -6.56 -27.09 28.48
C LYS D 58 -5.46 -26.92 27.42
N VAL D 59 -5.03 -25.68 27.15
CA VAL D 59 -3.95 -25.35 26.16
C VAL D 59 -2.63 -25.88 26.71
N VAL D 60 -2.25 -25.52 27.93
CA VAL D 60 -1.00 -26.01 28.57
C VAL D 60 -0.97 -27.53 28.41
N ASP D 61 -2.07 -28.20 28.77
CA ASP D 61 -2.24 -29.67 28.66
C ASP D 61 -1.87 -30.11 27.25
N GLU D 62 -2.56 -29.56 26.25
CA GLU D 62 -2.44 -29.94 24.82
C GLU D 62 -0.96 -29.97 24.41
N ILE D 63 -0.18 -28.98 24.85
CA ILE D 63 1.25 -28.76 24.43
C ILE D 63 2.17 -29.78 25.14
N LYS D 64 1.84 -30.22 26.35
CA LYS D 64 2.60 -31.30 27.04
C LYS D 64 2.31 -32.60 26.29
N GLN D 65 1.04 -32.80 25.96
CA GLN D 65 0.47 -33.93 25.17
C GLN D 65 1.42 -34.26 23.99
N LEU D 66 1.91 -33.27 23.27
CA LEU D 66 2.71 -33.48 22.03
C LEU D 66 4.20 -33.25 22.33
N GLY D 67 4.56 -33.22 23.61
CA GLY D 67 5.93 -33.52 24.08
C GLY D 67 6.79 -32.29 24.22
N SER D 68 6.18 -31.15 24.48
CA SER D 68 6.89 -29.89 24.77
C SER D 68 6.39 -29.40 26.11
N ASP D 69 7.06 -28.44 26.75
CA ASP D 69 6.70 -27.98 28.12
C ASP D 69 5.85 -26.71 27.89
N ALA D 70 5.14 -26.25 28.93
CA ALA D 70 4.31 -25.03 28.92
C ALA D 70 3.84 -24.66 30.33
N ILE D 71 3.43 -23.41 30.50
CA ILE D 71 2.83 -22.84 31.74
C ILE D 71 1.81 -21.79 31.32
N ALA D 72 0.75 -21.65 32.12
CA ALA D 72 -0.21 -20.53 32.07
C ALA D 72 0.29 -19.41 32.97
N ILE D 73 0.13 -18.17 32.52
CA ILE D 73 0.35 -16.98 33.39
C ILE D 73 -0.83 -16.03 33.19
N LYS D 74 -1.45 -15.60 34.28
CA LYS D 74 -2.53 -14.59 34.20
C LYS D 74 -1.92 -13.19 34.15
N ALA D 75 -2.43 -12.36 33.23
CA ALA D 75 -1.91 -11.00 33.07
C ALA D 75 -2.87 -10.16 32.23
N ASP D 76 -3.12 -8.92 32.65
CA ASP D 76 -3.95 -7.97 31.87
C ASP D 76 -2.96 -7.16 31.03
N VAL D 77 -2.88 -7.45 29.74
CA VAL D 77 -1.88 -6.77 28.85
C VAL D 77 -2.40 -5.35 28.59
N ARG D 78 -3.42 -4.95 29.34
CA ARG D 78 -3.92 -3.56 29.28
C ARG D 78 -3.15 -2.81 30.35
N GLN D 79 -2.49 -3.53 31.25
CA GLN D 79 -1.73 -2.94 32.38
C GLN D 79 -0.22 -3.14 32.19
N VAL D 80 0.53 -2.06 31.97
CA VAL D 80 1.99 -2.17 31.65
C VAL D 80 2.75 -2.82 32.81
N PRO D 81 2.48 -2.54 34.11
CA PRO D 81 3.14 -3.31 35.18
C PRO D 81 2.90 -4.83 35.08
N GLU D 82 1.68 -5.27 34.72
CA GLU D 82 1.36 -6.71 34.52
C GLU D 82 2.16 -7.25 33.32
N ILE D 83 2.38 -6.42 32.30
CA ILE D 83 3.18 -6.83 31.11
C ILE D 83 4.62 -7.07 31.56
N VAL D 84 5.17 -6.21 32.43
CA VAL D 84 6.57 -6.37 32.91
C VAL D 84 6.63 -7.70 33.68
N ARG D 85 5.71 -7.89 34.61
CA ARG D 85 5.72 -9.08 35.51
C ARG D 85 5.49 -10.33 34.65
N LEU D 86 4.72 -10.23 33.56
CA LEU D 86 4.47 -11.39 32.66
C LEU D 86 5.81 -11.89 32.13
N PHE D 87 6.50 -11.04 31.37
CA PHE D 87 7.81 -11.33 30.74
C PHE D 87 8.86 -11.69 31.81
N ASP D 88 8.79 -11.12 33.02
CA ASP D 88 9.71 -11.47 34.13
C ASP D 88 9.51 -12.96 34.50
N GLU D 89 8.31 -13.32 34.95
CA GLU D 89 7.92 -14.72 35.30
C GLU D 89 8.31 -15.64 34.13
N ALA D 90 8.08 -15.19 32.88
CA ALA D 90 8.36 -15.98 31.67
C ALA D 90 9.85 -16.36 31.65
N VAL D 91 10.73 -15.40 31.94
CA VAL D 91 12.20 -15.64 31.90
C VAL D 91 12.63 -16.40 33.17
N ALA D 92 12.13 -16.03 34.36
CA ALA D 92 12.25 -16.80 35.62
C ALA D 92 12.05 -18.28 35.26
N HIS D 93 10.87 -18.64 34.80
CA HIS D 93 10.55 -20.08 34.61
C HIS D 93 11.37 -20.77 33.52
N PHE D 94 11.35 -20.25 32.30
CA PHE D 94 11.98 -20.96 31.18
C PHE D 94 13.42 -20.49 30.95
N GLY D 95 13.88 -19.48 31.69
CA GLY D 95 15.29 -19.07 31.62
C GLY D 95 15.63 -18.23 30.43
N GLN D 96 14.73 -18.14 29.47
CA GLN D 96 14.93 -17.29 28.29
C GLN D 96 13.62 -17.13 27.56
N LEU D 97 13.57 -16.18 26.64
CA LEU D 97 12.42 -16.05 25.76
C LEU D 97 13.03 -15.75 24.41
N ASP D 98 12.54 -16.44 23.40
CA ASP D 98 13.08 -16.26 22.04
C ASP D 98 11.97 -15.63 21.19
N ILE D 99 10.71 -15.97 21.47
CA ILE D 99 9.56 -15.53 20.64
C ILE D 99 8.46 -14.92 21.50
N ALA D 100 8.06 -13.68 21.20
CA ALA D 100 6.96 -13.00 21.90
C ALA D 100 5.86 -12.68 20.88
N VAL D 101 4.62 -13.09 21.13
CA VAL D 101 3.51 -12.93 20.15
C VAL D 101 2.40 -12.09 20.78
N SER D 102 2.15 -10.90 20.23
CA SER D 102 1.03 -10.05 20.70
C SER D 102 -0.23 -10.44 19.95
N ASN D 103 -1.14 -11.17 20.61
CA ASN D 103 -2.39 -11.62 19.98
C ASN D 103 -3.59 -10.95 20.63
N SER D 104 -3.55 -10.76 21.94
CA SER D 104 -4.73 -10.27 22.71
C SER D 104 -5.42 -9.07 22.06
N GLY D 105 -6.72 -9.21 21.86
CA GLY D 105 -7.49 -8.16 21.20
C GLY D 105 -8.95 -8.15 21.57
N VAL D 106 -9.64 -7.07 21.25
CA VAL D 106 -11.11 -6.93 21.50
C VAL D 106 -11.72 -6.31 20.26
N VAL D 107 -12.97 -6.65 19.95
CA VAL D 107 -13.66 -6.07 18.76
C VAL D 107 -14.65 -4.98 19.21
N SER D 108 -14.97 -4.06 18.32
CA SER D 108 -15.97 -3.01 18.60
C SER D 108 -16.71 -2.72 17.30
N PHE D 109 -17.99 -2.38 17.40
CA PHE D 109 -18.80 -2.08 16.21
C PHE D 109 -19.67 -0.85 16.52
N GLY D 110 -19.73 0.10 15.59
CA GLY D 110 -20.60 1.26 15.77
C GLY D 110 -20.23 2.45 14.90
N HIS D 111 -21.24 3.18 14.42
CA HIS D 111 -21.01 4.39 13.61
C HIS D 111 -20.23 5.40 14.45
N LEU D 112 -19.26 6.05 13.83
CA LEU D 112 -18.43 7.06 14.53
C LEU D 112 -19.29 7.89 15.48
N LYS D 113 -20.52 8.21 15.09
CA LYS D 113 -21.40 9.11 15.86
C LYS D 113 -21.72 8.60 17.26
N ASP D 114 -21.66 7.29 17.47
CA ASP D 114 -22.12 6.71 18.76
C ASP D 114 -20.94 6.18 19.55
N VAL D 115 -19.73 6.53 19.15
CA VAL D 115 -18.56 5.95 19.85
C VAL D 115 -18.25 6.84 21.04
N THR D 116 -18.02 6.20 22.19
CA THR D 116 -17.79 6.92 23.46
C THR D 116 -16.30 6.98 23.78
N GLU D 117 -15.93 7.81 24.76
CA GLU D 117 -14.52 7.91 25.22
C GLU D 117 -14.16 6.59 25.89
N GLU D 118 -15.14 6.01 26.58
CA GLU D 118 -14.94 4.71 27.27
C GLU D 118 -14.70 3.61 26.25
N GLU D 119 -15.49 3.56 25.17
CA GLU D 119 -15.35 2.47 24.17
C GLU D 119 -14.04 2.61 23.39
N PHE D 120 -13.68 3.82 23.00
CA PHE D 120 -12.36 4.03 22.34
C PHE D 120 -11.26 3.51 23.25
N ASP D 121 -11.31 3.84 24.53
CA ASP D 121 -10.24 3.51 25.49
C ASP D 121 -10.28 2.03 25.84
N ARG D 122 -11.44 1.41 25.81
CA ARG D 122 -11.52 -0.06 26.03
C ARG D 122 -10.79 -0.81 24.90
N VAL D 123 -10.84 -0.31 23.68
CA VAL D 123 -10.23 -1.01 22.52
C VAL D 123 -8.74 -0.68 22.40
N PHE D 124 -8.38 0.60 22.43
CA PHE D 124 -6.99 1.00 22.18
C PHE D 124 -6.13 0.60 23.38
N SER D 125 -6.76 0.47 24.55
CA SER D 125 -6.06 0.06 25.79
C SER D 125 -5.37 -1.30 25.61
N LEU D 126 -6.02 -2.22 24.91
CA LEU D 126 -5.49 -3.57 24.70
C LEU D 126 -4.91 -3.78 23.29
N ASN D 127 -5.64 -3.41 22.24
CA ASN D 127 -5.26 -3.77 20.85
C ASN D 127 -4.14 -2.89 20.28
N THR D 128 -3.82 -1.78 20.93
CA THR D 128 -2.83 -0.82 20.40
C THR D 128 -1.75 -0.50 21.45
N ARG D 129 -2.13 0.05 22.60
CA ARG D 129 -1.16 0.44 23.66
C ARG D 129 -0.59 -0.82 24.29
N GLY D 130 -1.44 -1.75 24.68
CA GLY D 130 -0.95 -2.97 25.34
C GLY D 130 -0.01 -3.76 24.45
N GLN D 131 -0.33 -3.81 23.17
CA GLN D 131 0.48 -4.57 22.21
C GLN D 131 1.85 -3.88 22.07
N PHE D 132 1.91 -2.55 22.12
CA PHE D 132 3.17 -1.76 21.96
C PHE D 132 4.09 -2.00 23.16
N PHE D 133 3.51 -2.14 24.34
CA PHE D 133 4.30 -2.34 25.58
C PHE D 133 4.62 -3.84 25.72
N VAL D 134 3.81 -4.69 25.13
CA VAL D 134 4.10 -6.15 25.09
C VAL D 134 5.33 -6.33 24.20
N ALA D 135 5.43 -5.56 23.14
CA ALA D 135 6.61 -5.59 22.23
C ALA D 135 7.82 -4.92 22.86
N ARG D 136 7.60 -3.92 23.72
CA ARG D 136 8.71 -3.17 24.36
C ARG D 136 9.38 -4.07 25.39
N GLU D 137 8.58 -4.87 26.07
CA GLU D 137 9.09 -5.79 27.11
C GLU D 137 9.71 -7.00 26.43
N ALA D 138 9.16 -7.41 25.29
CA ALA D 138 9.77 -8.51 24.51
C ALA D 138 11.16 -8.11 24.00
N TYR D 139 11.33 -6.89 23.50
CA TYR D 139 12.65 -6.42 23.03
C TYR D 139 13.67 -6.38 24.17
N LYS D 140 13.21 -6.07 25.38
CA LYS D 140 14.11 -5.91 26.55
C LYS D 140 14.40 -7.29 27.14
N HIS D 141 13.44 -8.21 27.10
CA HIS D 141 13.59 -9.55 27.72
C HIS D 141 14.04 -10.58 26.69
N LEU D 142 13.90 -10.24 25.40
CA LEU D 142 14.18 -11.28 24.40
C LEU D 142 15.67 -11.53 24.23
N ASN D 143 15.99 -12.64 23.60
CA ASN D 143 17.38 -12.97 23.30
C ASN D 143 17.63 -12.51 21.86
N ASN D 144 18.90 -12.37 21.47
CA ASN D 144 19.27 -11.98 20.09
C ASN D 144 18.88 -13.11 19.12
N GLY D 145 18.47 -12.75 17.89
CA GLY D 145 17.92 -13.67 16.87
C GLY D 145 16.45 -13.90 17.10
N GLY D 146 15.87 -13.15 18.03
CA GLY D 146 14.52 -13.38 18.55
C GLY D 146 13.46 -12.95 17.56
N ARG D 147 12.20 -13.03 17.97
CA ARG D 147 10.99 -12.88 17.12
C ARG D 147 9.90 -12.16 17.92
N ILE D 148 9.43 -11.03 17.41
CA ILE D 148 8.20 -10.35 17.90
C ILE D 148 7.18 -10.43 16.78
N ILE D 149 5.96 -10.80 17.14
CA ILE D 149 4.82 -10.97 16.22
C ILE D 149 3.65 -10.21 16.83
N MET D 150 3.07 -9.28 16.06
CA MET D 150 1.88 -8.51 16.48
C MET D 150 0.70 -8.89 15.59
N THR D 151 -0.51 -8.70 16.11
CA THR D 151 -1.76 -9.09 15.40
C THR D 151 -2.52 -7.85 14.91
N SER D 152 -3.00 -7.90 13.67
CA SER D 152 -3.80 -6.81 13.07
C SER D 152 -5.15 -7.33 12.58
N SER D 153 -5.55 -6.94 11.38
CA SER D 153 -6.85 -7.29 10.79
C SER D 153 -6.86 -6.86 9.31
N ASN D 154 -7.48 -7.63 8.44
CA ASN D 154 -7.61 -7.27 7.00
C ASN D 154 -8.48 -6.01 6.87
N THR D 155 -9.07 -5.55 7.97
CA THR D 155 -9.92 -4.35 7.97
C THR D 155 -9.03 -3.12 8.11
N SER D 156 -7.79 -3.32 8.55
CA SER D 156 -6.86 -2.20 8.80
C SER D 156 -6.71 -1.38 7.53
N ARG D 157 -6.62 -2.05 6.40
CA ARG D 157 -6.39 -1.32 5.14
C ARG D 157 -7.18 -1.92 3.99
N ASP D 158 -7.09 -3.22 3.79
CA ASP D 158 -7.66 -3.84 2.57
C ASP D 158 -9.17 -3.52 2.51
N PHE D 159 -9.92 -3.86 3.55
CA PHE D 159 -11.41 -3.83 3.54
C PHE D 159 -11.94 -2.66 4.38
N SER D 160 -12.84 -1.89 3.78
CA SER D 160 -13.57 -0.77 4.44
C SER D 160 -15.00 -1.19 4.74
N VAL D 161 -15.17 -1.86 5.88
CA VAL D 161 -16.48 -2.30 6.44
C VAL D 161 -17.11 -1.15 7.21
N PRO D 162 -18.35 -0.71 6.89
CA PRO D 162 -19.02 0.33 7.66
C PRO D 162 -19.04 0.04 9.18
N LYS D 163 -18.99 1.12 9.99
CA LYS D 163 -19.21 1.09 11.46
C LYS D 163 -18.11 0.27 12.15
N PHE D 164 -16.92 0.26 11.59
CA PHE D 164 -15.78 -0.56 12.07
C PHE D 164 -14.54 0.31 12.27
N SER D 165 -14.74 1.62 12.45
CA SER D 165 -13.69 2.66 12.48
C SER D 165 -12.78 2.39 13.67
N LEU D 166 -13.33 2.44 14.86
CA LEU D 166 -12.53 2.26 16.10
C LEU D 166 -11.58 1.07 15.95
N TYR D 167 -12.09 -0.10 15.57
CA TYR D 167 -11.34 -1.38 15.58
C TYR D 167 -10.21 -1.29 14.54
N SER D 168 -10.55 -0.91 13.31
CA SER D 168 -9.62 -0.83 12.15
C SER D 168 -8.51 0.21 12.40
N GLY D 169 -8.87 1.36 12.99
CA GLY D 169 -7.92 2.26 13.68
C GLY D 169 -6.94 1.51 14.56
N SER D 170 -7.42 0.74 15.55
CA SER D 170 -6.58 0.14 16.61
C SER D 170 -5.47 -0.68 15.96
N LYS D 171 -5.76 -1.36 14.85
CA LYS D 171 -4.82 -2.29 14.16
C LYS D 171 -3.94 -1.54 13.13
N GLY D 172 -4.47 -0.49 12.49
CA GLY D 172 -3.68 0.35 11.57
C GLY D 172 -2.45 0.92 12.26
N ALA D 173 -2.54 1.20 13.55
CA ALA D 173 -1.42 1.61 14.41
C ALA D 173 -0.35 0.52 14.43
N ILE D 174 -0.79 -0.74 14.54
CA ILE D 174 0.07 -1.96 14.64
C ILE D 174 0.87 -2.11 13.34
N ASP D 175 0.22 -1.96 12.19
CA ASP D 175 0.87 -2.04 10.86
C ASP D 175 2.06 -1.09 10.80
N SER D 176 1.92 0.14 11.29
CA SER D 176 2.99 1.17 11.33
C SER D 176 4.04 0.76 12.36
N PHE D 177 3.61 0.21 13.50
CA PHE D 177 4.51 -0.10 14.65
C PHE D 177 5.54 -1.10 14.15
N VAL D 178 5.07 -2.18 13.50
CA VAL D 178 5.93 -3.34 13.11
C VAL D 178 7.04 -2.89 12.15
N ARG D 179 6.76 -1.99 11.19
CA ARG D 179 7.76 -1.48 10.21
C ARG D 179 8.89 -0.74 10.95
N ILE D 180 8.53 0.18 11.83
CA ILE D 180 9.51 1.01 12.58
C ILE D 180 10.21 0.14 13.62
N PHE D 181 9.47 -0.77 14.27
CA PHE D 181 10.01 -1.63 15.35
C PHE D 181 11.16 -2.45 14.76
N SER D 182 10.99 -2.95 13.53
CA SER D 182 11.95 -3.86 12.85
C SER D 182 13.31 -3.18 12.72
N LYS D 183 13.35 -1.85 12.60
CA LYS D 183 14.59 -1.03 12.66
C LYS D 183 15.12 -0.96 14.10
N ASP D 184 14.27 -0.63 15.07
CA ASP D 184 14.66 -0.53 16.50
C ASP D 184 15.23 -1.89 16.96
N CYS D 185 14.50 -2.98 16.72
CA CYS D 185 14.82 -4.35 17.23
C CYS D 185 16.02 -4.94 16.47
N GLY D 186 16.45 -4.28 15.39
CA GLY D 186 17.75 -4.47 14.73
C GLY D 186 18.91 -4.73 15.69
N ASP D 187 19.10 -3.90 16.71
CA ASP D 187 20.38 -3.93 17.48
C ASP D 187 20.43 -5.15 18.41
N LYS D 188 19.40 -6.01 18.41
CA LYS D 188 19.40 -7.34 19.07
C LYS D 188 19.07 -8.42 18.02
N LYS D 189 19.28 -8.10 16.73
CA LYS D 189 18.97 -8.97 15.57
C LYS D 189 17.59 -9.64 15.75
N ILE D 190 16.61 -8.91 16.28
CA ILE D 190 15.21 -9.35 16.54
C ILE D 190 14.32 -8.87 15.37
N THR D 191 13.63 -9.77 14.65
CA THR D 191 12.67 -9.46 13.54
C THR D 191 11.27 -9.22 14.10
N VAL D 192 10.58 -8.21 13.57
CA VAL D 192 9.22 -7.78 14.01
C VAL D 192 8.33 -7.80 12.77
N ASN D 193 7.20 -8.50 12.84
CA ASN D 193 6.20 -8.61 11.74
C ASN D 193 4.82 -8.73 12.37
N ALA D 194 3.75 -8.54 11.58
CA ALA D 194 2.36 -8.71 12.03
C ALA D 194 1.66 -9.77 11.16
N VAL D 195 0.76 -10.55 11.75
CA VAL D 195 -0.28 -11.27 10.96
C VAL D 195 -1.59 -10.48 11.05
N ALA D 196 -2.20 -10.25 9.89
CA ALA D 196 -3.49 -9.56 9.72
C ALA D 196 -4.55 -10.58 9.31
N PRO D 197 -5.22 -11.19 10.31
CA PRO D 197 -6.17 -12.20 10.01
C PRO D 197 -7.43 -11.63 9.36
N GLY D 198 -8.09 -12.44 8.56
CA GLY D 198 -9.41 -12.06 8.08
C GLY D 198 -10.41 -12.68 9.02
N GLY D 199 -11.58 -13.05 8.53
CA GLY D 199 -12.60 -13.71 9.35
C GLY D 199 -12.18 -15.10 9.75
N THR D 200 -11.84 -15.26 11.01
CA THR D 200 -11.31 -16.55 11.51
C THR D 200 -12.32 -17.05 12.53
N VAL D 201 -12.57 -18.35 12.51
CA VAL D 201 -13.68 -18.87 13.36
C VAL D 201 -13.28 -18.91 14.83
N THR D 202 -13.75 -17.96 15.59
CA THR D 202 -13.50 -17.84 17.05
C THR D 202 -14.72 -17.18 17.73
N ASP D 203 -14.72 -17.08 19.06
CA ASP D 203 -15.77 -16.37 19.85
C ASP D 203 -15.96 -14.96 19.26
N MET D 204 -14.85 -14.25 18.95
CA MET D 204 -14.86 -12.86 18.43
C MET D 204 -15.58 -12.78 17.09
N PHE D 205 -15.26 -13.69 16.16
CA PHE D 205 -15.92 -13.76 14.83
C PHE D 205 -17.43 -13.89 15.02
N HIS D 206 -17.83 -14.69 16.00
CA HIS D 206 -19.26 -15.04 16.27
C HIS D 206 -19.98 -13.83 16.85
N ASP D 207 -19.32 -13.16 17.80
CA ASP D 207 -19.71 -11.87 18.43
C ASP D 207 -20.10 -10.87 17.32
N VAL D 208 -19.34 -10.79 16.22
CA VAL D 208 -19.56 -9.76 15.15
C VAL D 208 -19.69 -10.40 13.76
N SER D 209 -20.31 -11.59 13.65
CA SER D 209 -20.81 -12.13 12.35
C SER D 209 -22.18 -11.47 12.07
N GLN D 210 -22.65 -10.68 13.04
CA GLN D 210 -23.93 -9.91 12.99
C GLN D 210 -23.75 -8.59 12.23
N HIS D 211 -22.53 -8.31 11.74
CA HIS D 211 -22.16 -7.02 11.13
C HIS D 211 -20.74 -7.11 10.53
N THR D 220 -27.96 -19.70 14.96
CA THR D 220 -27.33 -19.39 13.64
C THR D 220 -26.00 -18.65 13.78
N PRO D 221 -25.14 -18.87 14.82
CA PRO D 221 -23.72 -18.50 14.70
C PRO D 221 -23.05 -19.12 13.46
N GLU D 222 -23.39 -20.39 13.17
CA GLU D 222 -22.81 -21.23 12.09
C GLU D 222 -23.49 -20.93 10.75
N GLU D 223 -24.66 -20.27 10.75
CA GLU D 223 -25.41 -19.92 9.52
C GLU D 223 -24.72 -18.71 8.85
N ARG D 224 -24.35 -17.70 9.66
CA ARG D 224 -23.57 -16.49 9.26
C ARG D 224 -22.15 -16.90 8.85
N GLN D 225 -21.54 -17.81 9.62
CA GLN D 225 -20.28 -18.53 9.27
C GLN D 225 -20.43 -19.03 7.82
N LYS D 226 -21.43 -19.86 7.53
CA LYS D 226 -21.69 -20.47 6.18
C LYS D 226 -21.73 -19.39 5.10
N MET D 227 -22.22 -18.18 5.39
CA MET D 227 -22.24 -17.05 4.43
C MET D 227 -20.78 -16.73 4.08
N ALA D 228 -19.93 -16.60 5.11
CA ALA D 228 -18.52 -16.13 5.06
C ALA D 228 -17.61 -17.15 4.34
N ALA D 229 -18.00 -18.42 4.28
CA ALA D 229 -17.23 -19.48 3.60
C ALA D 229 -16.91 -19.07 2.15
N HIS D 230 -17.82 -18.35 1.47
CA HIS D 230 -17.77 -18.08 0.01
C HIS D 230 -17.07 -16.75 -0.33
N ALA D 231 -16.60 -15.98 0.66
CA ALA D 231 -15.83 -14.73 0.43
C ALA D 231 -14.45 -15.10 -0.13
N SER D 232 -13.78 -16.09 0.47
CA SER D 232 -12.52 -16.68 -0.05
C SER D 232 -12.82 -17.47 -1.32
N PRO D 233 -12.02 -17.29 -2.39
CA PRO D 233 -12.10 -18.14 -3.58
C PRO D 233 -11.92 -19.63 -3.25
N LEU D 234 -11.36 -19.97 -2.07
CA LEU D 234 -11.16 -21.38 -1.66
C LEU D 234 -12.44 -21.97 -1.06
N HIS D 235 -13.51 -21.18 -0.92
CA HIS D 235 -14.84 -21.66 -0.46
C HIS D 235 -14.65 -22.41 0.87
N ARG D 236 -14.11 -21.73 1.90
CA ARG D 236 -14.14 -22.17 3.33
C ARG D 236 -13.76 -21.01 4.23
N ASN D 237 -14.11 -21.07 5.51
CA ASN D 237 -13.75 -20.02 6.48
C ASN D 237 -12.24 -20.08 6.71
N GLY D 238 -11.69 -18.98 7.24
CA GLY D 238 -10.42 -19.01 7.97
C GLY D 238 -10.63 -19.63 9.35
N PHE D 239 -9.72 -20.50 9.78
CA PHE D 239 -9.76 -21.16 11.10
C PHE D 239 -8.52 -20.70 11.88
N PRO D 240 -8.54 -20.73 13.22
CA PRO D 240 -7.41 -20.20 13.99
C PRO D 240 -6.04 -20.77 13.58
N GLU D 241 -5.99 -21.98 13.02
CA GLU D 241 -4.71 -22.67 12.70
C GLU D 241 -4.19 -22.23 11.35
N ASP D 242 -5.03 -21.54 10.59
CA ASP D 242 -4.62 -20.99 9.27
C ASP D 242 -3.63 -19.85 9.53
N ILE D 243 -3.84 -19.11 10.63
CA ILE D 243 -2.94 -17.99 11.01
C ILE D 243 -1.74 -18.56 11.78
N ALA D 244 -1.99 -19.37 12.79
CA ALA D 244 -0.91 -20.00 13.58
C ALA D 244 0.24 -20.46 12.66
N ARG D 245 -0.08 -21.21 11.62
CA ARG D 245 0.95 -21.76 10.70
C ARG D 245 1.71 -20.63 9.99
N VAL D 246 1.14 -19.43 9.89
CA VAL D 246 1.93 -18.31 9.30
C VAL D 246 2.85 -17.74 10.37
N VAL D 247 2.38 -17.68 11.61
CA VAL D 247 3.20 -17.24 12.79
C VAL D 247 4.37 -18.21 12.94
N GLY D 248 4.07 -19.51 12.86
CA GLY D 248 5.07 -20.58 12.88
C GLY D 248 6.22 -20.36 11.91
N PHE D 249 5.95 -20.10 10.64
CA PHE D 249 7.01 -19.80 9.67
C PHE D 249 7.78 -18.55 10.10
N LEU D 250 7.10 -17.46 10.45
CA LEU D 250 7.76 -16.16 10.72
C LEU D 250 8.76 -16.25 11.89
N VAL D 251 8.43 -17.00 12.97
CA VAL D 251 9.22 -17.06 14.25
C VAL D 251 10.21 -18.23 14.17
N SER D 252 10.29 -18.88 13.01
CA SER D 252 11.37 -19.82 12.64
C SER D 252 12.60 -19.03 12.15
N ALA D 253 13.75 -19.68 12.05
CA ALA D 253 15.00 -19.13 11.47
C ALA D 253 14.77 -18.82 9.99
N GLU D 254 14.00 -19.65 9.32
CA GLU D 254 13.84 -19.64 7.86
C GLU D 254 13.02 -18.39 7.51
N GLY D 255 12.19 -17.89 8.43
CA GLY D 255 11.33 -16.72 8.19
C GLY D 255 12.09 -15.40 8.34
N GLU D 256 13.38 -15.44 8.69
CA GLU D 256 14.14 -14.24 9.19
C GLU D 256 14.05 -13.11 8.18
N TRP D 257 14.13 -13.41 6.88
CA TRP D 257 14.20 -12.37 5.82
C TRP D 257 12.81 -11.79 5.53
N ILE D 258 11.75 -12.26 6.19
CA ILE D 258 10.49 -11.45 6.31
C ILE D 258 10.57 -10.61 7.59
N ASN D 259 10.64 -9.27 7.45
CA ASN D 259 10.91 -8.31 8.55
C ASN D 259 10.25 -6.94 8.29
N GLY D 260 9.51 -6.45 9.29
CA GLY D 260 8.75 -5.18 9.22
C GLY D 260 7.55 -5.25 8.28
N LYS D 261 6.97 -6.45 8.11
CA LYS D 261 5.92 -6.73 7.08
C LYS D 261 4.63 -7.19 7.77
N VAL D 262 3.50 -6.63 7.36
CA VAL D 262 2.16 -7.14 7.73
C VAL D 262 1.80 -8.21 6.70
N LEU D 263 1.64 -9.47 7.13
CA LEU D 263 1.11 -10.58 6.29
C LEU D 263 -0.40 -10.69 6.52
N THR D 264 -1.20 -10.54 5.47
CA THR D 264 -2.68 -10.66 5.58
C THR D 264 -3.04 -12.12 5.33
N VAL D 265 -3.68 -12.76 6.30
CA VAL D 265 -4.03 -14.21 6.18
C VAL D 265 -5.55 -14.27 6.16
N ASP D 266 -6.11 -14.19 4.95
CA ASP D 266 -7.58 -14.12 4.73
C ASP D 266 -8.05 -15.13 3.68
N GLY D 267 -7.14 -15.87 3.06
CA GLY D 267 -7.48 -16.91 2.06
C GLY D 267 -7.84 -16.33 0.71
N GLY D 268 -7.66 -15.04 0.54
CA GLY D 268 -8.09 -14.39 -0.71
C GLY D 268 -9.48 -13.83 -0.54
N ALA D 269 -9.85 -13.56 0.68
CA ALA D 269 -11.24 -13.15 0.97
C ALA D 269 -11.54 -11.74 0.47
N ALA D 270 -12.74 -11.56 -0.07
CA ALA D 270 -13.23 -10.23 -0.52
C ALA D 270 -14.49 -9.78 0.28
PA NAP E . 19.54 -13.89 -12.14
O1A NAP E . 20.64 -14.44 -11.41
O2A NAP E . 19.79 -12.94 -13.15
O5B NAP E . 18.92 -15.09 -12.83
C5B NAP E . 18.11 -14.89 -13.94
C4B NAP E . 17.38 -16.17 -14.29
O4B NAP E . 16.51 -15.90 -15.31
C3B NAP E . 18.29 -17.20 -14.82
O3B NAP E . 17.91 -18.44 -14.26
C2B NAP E . 18.06 -17.19 -16.27
O2B NAP E . 18.37 -18.41 -16.91
C1B NAP E . 16.62 -16.89 -16.31
N9A NAP E . 16.24 -16.38 -17.64
C8A NAP E . 16.67 -15.31 -18.23
N7A NAP E . 16.15 -15.13 -19.42
C5A NAP E . 15.36 -16.15 -19.62
C6A NAP E . 14.46 -16.60 -20.68
N6A NAP E . 14.28 -15.95 -21.81
N1A NAP E . 13.79 -17.71 -20.44
C2A NAP E . 13.92 -18.40 -19.34
N3A NAP E . 14.70 -18.04 -18.36
C4A NAP E . 15.42 -16.95 -18.44
O3 NAP E . 18.43 -13.21 -11.24
PN NAP E . 17.73 -13.46 -9.90
O1N NAP E . 18.05 -12.44 -9.09
O2N NAP E . 17.86 -14.79 -9.46
O5D NAP E . 16.30 -13.24 -10.33
C5D NAP E . 15.28 -14.11 -9.92
C4D NAP E . 13.96 -13.41 -9.85
O4D NAP E . 13.95 -12.53 -8.77
C3D NAP E . 13.75 -12.61 -11.10
O3D NAP E . 12.40 -12.73 -11.54
C2D NAP E . 14.08 -11.23 -10.67
O2D NAP E . 13.47 -10.28 -11.51
C1D NAP E . 13.65 -11.27 -9.25
N1N NAP E . 14.26 -10.31 -8.38
C2N NAP E . 15.50 -10.40 -8.04
C3N NAP E . 16.06 -9.45 -7.19
C7N NAP E . 17.48 -9.45 -6.78
O7N NAP E . 18.13 -10.42 -6.91
N7N NAP E . 17.96 -8.37 -6.29
C4N NAP E . 15.27 -8.45 -6.70
C5N NAP E . 13.97 -8.42 -7.05
C6N NAP E . 13.49 -9.36 -7.91
P2B NAP E . 19.28 -18.64 -18.09
O1X NAP E . 19.04 -17.62 -19.06
O2X NAP E . 18.84 -19.94 -18.43
O3X NAP E . 20.58 -18.58 -17.50
PA NAP F . -13.40 5.02 -23.34
O1A NAP F . -14.68 5.56 -23.29
O2A NAP F . -13.32 3.76 -23.90
O5B NAP F . -12.67 5.98 -24.25
C5B NAP F . -11.64 5.59 -25.10
C4B NAP F . -10.72 6.72 -25.48
O4B NAP F . -9.50 6.14 -25.78
C3B NAP F . -11.13 7.38 -26.74
O3B NAP F . -10.92 8.78 -26.75
C2B NAP F . -10.25 6.72 -27.75
O2B NAP F . -10.13 7.45 -28.95
C1B NAP F . -8.98 6.56 -26.99
N9A NAP F . -8.14 5.55 -27.63
C8A NAP F . -8.37 4.26 -27.72
N7A NAP F . -7.44 3.62 -28.39
C5A NAP F . -6.56 4.51 -28.77
C6A NAP F . -5.30 4.52 -29.50
N6A NAP F . -4.77 3.40 -30.00
N1A NAP F . -4.69 5.68 -29.63
C2A NAP F . -5.15 6.78 -29.16
N3A NAP F . -6.26 6.83 -28.52
C4A NAP F . -7.01 5.77 -28.27
O3 NAP F . -12.69 4.98 -21.95
PN NAP F . -12.58 5.85 -20.67
O1N NAP F . -13.37 5.28 -19.67
O2N NAP F . -12.71 7.21 -21.02
O5D NAP F . -11.15 5.68 -20.31
C5D NAP F . -10.24 6.69 -20.13
C4D NAP F . -9.15 6.15 -19.30
O4D NAP F . -9.67 5.83 -18.06
C3D NAP F . -8.60 4.87 -19.85
O3D NAP F . -7.20 4.94 -19.79
C2D NAP F . -9.13 3.83 -18.93
O2D NAP F . -8.33 2.67 -18.92
C1D NAP F . -9.24 4.57 -17.63
N1N NAP F . -10.22 4.04 -16.70
C2N NAP F . -11.49 4.15 -17.00
C3N NAP F . -12.46 3.69 -16.16
C7N NAP F . -13.85 3.85 -16.56
O7N NAP F . -14.71 3.52 -15.89
N7N NAP F . -14.17 4.37 -17.67
C4N NAP F . -12.08 3.10 -14.99
C5N NAP F . -10.76 2.98 -14.70
C6N NAP F . -9.84 3.47 -15.58
P2B NAP F . -10.70 7.04 -30.30
O1X NAP F . -9.89 5.94 -30.54
O2X NAP F . -12.01 6.66 -30.07
O3X NAP F . -10.45 8.14 -31.12
PA NAP G . 3.46 22.38 14.76
O1A NAP G . 4.17 21.74 15.75
O2A NAP G . 4.08 23.48 14.10
O5B NAP G . 2.14 22.89 15.29
C5B NAP G . 1.41 22.10 16.11
C4B NAP G . -0.02 22.52 16.14
O4B NAP G . -0.65 21.64 17.02
C3B NAP G . -0.22 23.90 16.69
O3B NAP G . -1.23 24.53 15.96
C2B NAP G . -0.75 23.59 18.03
O2B NAP G . -1.38 24.71 18.62
C1B NAP G . -1.56 22.34 17.76
N9A NAP G . -1.80 21.66 19.01
C8A NAP G . -0.94 21.07 19.79
N7A NAP G . -1.53 20.61 20.87
C5A NAP G . -2.82 20.91 20.83
C6A NAP G . -4.03 20.74 21.64
N6A NAP G . -4.07 20.10 22.80
N1A NAP G . -5.14 21.23 21.14
C2A NAP G . -5.20 21.88 20.03
N3A NAP G . -4.18 22.05 19.28
C4A NAP G . -2.97 21.61 19.59
O3 NAP G . 3.10 21.23 13.81
PN NAP G . 2.93 21.10 12.27
O1N NAP G . 4.10 20.62 11.68
O2N NAP G . 2.19 22.16 11.68
O5D NAP G . 2.05 19.91 12.17
C5D NAP G . 0.69 19.94 11.84
C4D NAP G . 0.15 18.60 11.46
O4D NAP G . 1.00 18.07 10.50
C3D NAP G . 0.14 17.65 12.60
O3D NAP G . -1.00 16.86 12.46
C2D NAP G . 1.36 16.87 12.34
O2D NAP G . 1.33 15.62 12.95
C1D NAP G . 1.40 16.81 10.87
N1N NAP G . 2.66 16.54 10.22
C2N NAP G . 3.59 17.44 10.09
C3N NAP G . 4.75 17.18 9.44
C7N NAP G . 5.80 18.17 9.34
O7N NAP G . 6.76 17.91 8.73
N7N NAP G . 5.67 19.31 9.91
C4N NAP G . 4.95 15.91 8.94
C5N NAP G . 3.99 14.98 9.10
C6N NAP G . 2.85 15.33 9.73
P2B NAP G . -1.02 25.29 19.96
O1X NAP G . -2.09 26.18 20.03
O2X NAP G . -1.03 24.27 20.92
O3X NAP G . 0.21 25.96 19.87
C10 L7Z H . 7.95 14.42 10.23
C13 L7Z H . 9.54 14.76 8.35
C01 L7Z H . 12.67 11.35 7.43
C02 L7Z H . 12.05 11.02 6.09
C03 L7Z H . 10.56 11.22 5.82
C04 L7Z H . 9.69 11.75 6.94
C05 L7Z H . 10.29 12.10 8.32
C06 L7Z H . 11.77 11.89 8.57
C07 L7Z H . 12.91 10.48 4.94
C08 L7Z H . 9.39 12.62 9.49
C09 L7Z H . 8.43 13.76 9.14
C11 L7Z H . 9.11 15.52 10.49
C12 L7Z H . 9.66 15.88 9.08
O14 L7Z H . 6.95 14.30 10.89
O15 L7Z H . 10.15 14.50 7.37
C16 L7Z H . 7.22 13.23 8.28
PA NAP I . -11.15 -14.09 20.83
O1A NAP I . -11.65 -15.43 20.69
O2A NAP I . -11.99 -13.09 21.35
O5B NAP I . -9.97 -14.23 21.83
C5B NAP I . -9.50 -13.19 22.63
C4B NAP I . -8.23 -13.53 23.37
O4B NAP I . -7.83 -12.34 23.95
C3B NAP I . -8.49 -14.43 24.54
O3B NAP I . -7.50 -15.40 24.64
C2B NAP I . -8.48 -13.52 25.71
O2B NAP I . -8.20 -14.20 26.92
C1B NAP I . -7.49 -12.49 25.29
N9A NAP I . -7.68 -11.26 26.05
C8A NAP I . -8.74 -10.51 26.09
N7A NAP I . -8.57 -9.49 26.92
C5A NAP I . -7.37 -9.58 27.45
C6A NAP I . -6.52 -8.83 28.38
N6A NAP I . -6.91 -7.74 29.01
N1A NAP I . -5.32 -9.28 28.63
C2A NAP I . -4.88 -10.36 28.05
N3A NAP I . -5.58 -11.06 27.21
C4A NAP I . -6.79 -10.74 26.84
O3 NAP I . -10.46 -13.50 19.56
PN NAP I . -9.51 -13.92 18.39
O1N NAP I . -10.14 -13.68 17.19
O2N NAP I . -8.77 -15.06 18.64
O5D NAP I . -8.65 -12.71 18.46
C5D NAP I . -7.26 -12.83 18.45
C4D NAP I . -6.60 -11.68 17.78
O4D NAP I . -6.80 -11.86 16.40
C3D NAP I . -7.15 -10.36 18.21
O3D NAP I . -6.10 -9.45 18.28
C2D NAP I . -8.03 -10.00 17.08
O2D NAP I . -8.22 -8.64 16.91
C1D NAP I . -7.34 -10.66 15.93
N1N NAP I . -8.25 -10.88 14.86
C2N NAP I . -9.17 -11.79 14.93
C3N NAP I . -10.02 -11.95 13.88
C7N NAP I . -11.07 -12.95 13.88
O7N NAP I . -11.00 -13.86 14.60
N7N NAP I . -12.04 -12.79 13.05
C4N NAP I . -9.91 -11.16 12.77
C5N NAP I . -8.93 -10.22 12.77
C6N NAP I . -8.09 -10.12 13.83
P2B NAP I . -9.11 -14.21 28.14
O1X NAP I . -10.32 -14.72 27.65
O2X NAP I . -8.42 -15.05 29.04
O3X NAP I . -9.17 -12.86 28.49
C10 L7Z J . -12.84 -8.86 10.54
C13 L7Z J . -13.27 -9.38 12.87
C01 L7Z J . -16.96 -9.50 7.67
C02 L7Z J . -17.25 -8.03 7.88
C03 L7Z J . -16.71 -7.31 9.11
C04 L7Z J . -15.87 -8.06 10.12
C05 L7Z J . -15.57 -9.54 9.89
C06 L7Z J . -16.11 -10.26 8.69
C07 L7Z J . -18.11 -7.27 6.86
C08 L7Z J . -14.74 -10.34 10.90
C09 L7Z J . -13.36 -9.81 11.26
C11 L7Z J . -12.22 -7.81 11.61
C12 L7Z J . -12.25 -8.55 12.99
O14 L7Z J . -12.76 -8.85 9.36
O15 L7Z J . -13.98 -9.73 13.73
C16 L7Z J . -12.42 -10.96 10.94
#